data_5XMD
#
_entry.id   5XMD
#
_cell.length_a   101.691
_cell.length_b   51.892
_cell.length_c   124.294
_cell.angle_alpha   90.000
_cell.angle_beta   94.270
_cell.angle_gamma   90.000
#
_symmetry.space_group_name_H-M   'P 1 21 1'
#
loop_
_entity.id
_entity.type
_entity.pdbx_description
1 polymer 'Epoxide hydrolase A'
2 water water
#
_entity_poly.entity_id   1
_entity_poly.type   'polypeptide(L)'
_entity_poly.pdbx_seq_one_letter_code
;MGSSHHHHHHSSGLVPRGSHMASMTGGQQMGRGSMEEIEHRTVEVNGIKMHVAEKGEGPVVLFLHGFPELWYSWRHQILA
LSSRGYRAVAPDLRGYGDTEAPESISSYTIMHLVGDIVALIDSLGVGQVFLVAHDWGAIVGWYLCLFRPEKIKAYVCLSV
PFMPRNPKVRPVDAMRALYGDDYYICRFQEPGKAEALYGSNNNIGEVIKSILTNRRPGPPILPKEGVALPSGSLPSRPLP
SWLSEEDVTYYASKFSKTGLTGGLNYYRNLNLNWELTAAWTGAKVKVPVKFITGDLDVVYTSLGIKDYIDSGAFKRDVPY
LEEVVVQEGVAHFNNQEAAEDISNHIYEFIKKF
;
_entity_poly.pdbx_strand_id   A,B,C,D
#
# COMPACT_ATOMS: atom_id res chain seq x y z
N ARG A 32 20.89 -24.19 -18.82
CA ARG A 32 21.59 -24.37 -17.54
C ARG A 32 21.91 -25.84 -17.26
N GLY A 33 22.40 -26.13 -16.06
CA GLY A 33 22.90 -27.46 -15.75
C GLY A 33 21.90 -28.42 -15.12
N SER A 34 22.40 -29.48 -14.49
CA SER A 34 21.55 -30.39 -13.73
C SER A 34 21.88 -30.36 -12.23
N MET A 35 20.93 -30.78 -11.41
CA MET A 35 21.14 -30.93 -9.98
C MET A 35 22.34 -31.82 -9.66
N GLU A 36 22.72 -32.70 -10.58
CA GLU A 36 23.82 -33.63 -10.35
C GLU A 36 25.16 -32.91 -10.42
N GLU A 37 25.17 -31.75 -11.06
CA GLU A 37 26.40 -30.97 -11.21
C GLU A 37 26.66 -30.04 -10.02
N ILE A 38 25.73 -30.01 -9.07
CA ILE A 38 25.90 -29.24 -7.85
C ILE A 38 26.76 -30.01 -6.85
N GLU A 39 27.79 -29.37 -6.33
CA GLU A 39 28.70 -29.98 -5.37
C GLU A 39 28.17 -29.85 -3.94
N HIS A 40 28.31 -30.91 -3.15
CA HIS A 40 27.92 -30.89 -1.75
C HIS A 40 29.13 -31.16 -0.87
N ARG A 41 29.25 -30.41 0.22
CA ARG A 41 30.37 -30.60 1.13
C ARG A 41 30.01 -30.13 2.51
N THR A 42 30.92 -30.41 3.45
CA THR A 42 30.76 -30.00 4.84
C THR A 42 31.94 -29.13 5.26
N VAL A 43 31.66 -28.08 6.03
CA VAL A 43 32.66 -27.14 6.52
C VAL A 43 32.37 -26.87 7.99
N GLU A 44 33.42 -26.80 8.82
CA GLU A 44 33.23 -26.42 10.21
C GLU A 44 33.18 -24.91 10.26
N VAL A 45 32.08 -24.34 10.76
CA VAL A 45 31.92 -22.89 10.85
C VAL A 45 31.33 -22.54 12.19
N ASN A 46 31.99 -21.63 12.91
CA ASN A 46 31.50 -21.18 14.21
C ASN A 46 31.19 -22.36 15.13
N GLY A 47 32.02 -23.40 15.08
CA GLY A 47 31.86 -24.52 15.99
C GLY A 47 30.85 -25.57 15.60
N ILE A 48 30.26 -25.47 14.40
CA ILE A 48 29.33 -26.49 13.94
C ILE A 48 29.70 -26.96 12.54
N LYS A 49 29.29 -28.19 12.19
CA LYS A 49 29.52 -28.70 10.85
C LYS A 49 28.37 -28.26 9.96
N MET A 50 28.69 -27.54 8.90
CA MET A 50 27.63 -27.04 8.04
C MET A 50 27.66 -27.69 6.66
N HIS A 51 26.50 -28.11 6.19
CA HIS A 51 26.37 -28.58 4.81
C HIS A 51 26.25 -27.41 3.87
N VAL A 52 27.08 -27.42 2.83
CA VAL A 52 27.10 -26.37 1.82
C VAL A 52 26.91 -26.99 0.46
N ALA A 53 25.94 -26.48 -0.30
CA ALA A 53 25.80 -26.88 -1.68
C ALA A 53 26.32 -25.75 -2.54
N GLU A 54 26.98 -26.07 -3.66
CA GLU A 54 27.50 -24.99 -4.48
C GLU A 54 27.76 -25.39 -5.93
N LYS A 55 27.68 -24.41 -6.83
CA LYS A 55 27.93 -24.61 -8.25
C LYS A 55 28.40 -23.29 -8.91
N GLY A 56 29.34 -23.40 -9.84
CA GLY A 56 29.79 -22.22 -10.58
C GLY A 56 31.09 -21.59 -10.12
N GLU A 57 31.63 -20.72 -10.97
CA GLU A 57 32.86 -20.00 -10.68
C GLU A 57 32.58 -18.54 -10.94
N GLY A 58 33.21 -17.67 -10.18
CA GLY A 58 32.99 -16.24 -10.31
C GLY A 58 32.73 -15.62 -8.94
N PRO A 59 32.17 -14.39 -8.93
CA PRO A 59 31.80 -13.76 -7.65
C PRO A 59 30.80 -14.65 -6.91
N VAL A 60 30.92 -14.74 -5.59
CA VAL A 60 30.03 -15.58 -4.81
C VAL A 60 28.65 -14.95 -4.69
N VAL A 61 27.62 -15.78 -4.89
CA VAL A 61 26.25 -15.41 -4.55
C VAL A 61 25.82 -16.40 -3.47
N LEU A 62 25.63 -15.88 -2.26
CA LEU A 62 25.34 -16.71 -1.09
C LEU A 62 23.84 -16.62 -0.77
N PHE A 63 23.20 -17.80 -0.68
CA PHE A 63 21.75 -17.92 -0.47
C PHE A 63 21.41 -18.49 0.90
N LEU A 64 20.53 -17.77 1.63
CA LEU A 64 20.12 -18.19 2.98
C LEU A 64 18.63 -18.50 2.99
N HIS A 65 18.30 -19.78 3.14
CA HIS A 65 16.90 -20.23 3.17
C HIS A 65 16.16 -19.86 4.46
N GLY A 66 14.86 -20.11 4.48
CA GLY A 66 14.03 -19.81 5.63
C GLY A 66 13.40 -21.05 6.23
N PHE A 67 12.27 -20.85 6.91
CA PHE A 67 11.57 -21.91 7.62
C PHE A 67 10.33 -22.31 6.83
N PRO A 68 10.06 -23.60 6.72
CA PRO A 68 10.89 -24.72 7.18
C PRO A 68 11.57 -25.30 5.96
N GLU A 69 12.70 -24.70 5.54
CA GLU A 69 13.26 -25.06 4.23
C GLU A 69 14.69 -25.58 4.30
N LEU A 70 15.38 -25.52 3.16
CA LEU A 70 16.68 -26.15 3.00
C LEU A 70 17.43 -25.40 1.92
N TRP A 71 18.73 -25.72 1.76
CA TRP A 71 19.51 -25.26 0.63
C TRP A 71 18.71 -25.52 -0.65
N TYR A 72 17.96 -26.62 -0.63
CA TYR A 72 17.25 -27.12 -1.80
C TYR A 72 16.22 -26.11 -2.31
N SER A 73 15.72 -25.24 -1.43
CA SER A 73 14.76 -24.23 -1.84
C SER A 73 15.32 -23.28 -2.90
N TRP A 74 16.65 -23.23 -2.99
CA TRP A 74 17.31 -22.34 -3.95
C TRP A 74 17.76 -23.06 -5.20
N ARG A 75 17.35 -24.31 -5.38
CA ARG A 75 17.80 -25.10 -6.54
C ARG A 75 17.78 -24.35 -7.87
N HIS A 76 16.68 -23.67 -8.18
CA HIS A 76 16.59 -22.99 -9.48
C HIS A 76 17.59 -21.83 -9.61
N GLN A 77 17.79 -21.09 -8.53
CA GLN A 77 18.71 -19.96 -8.56
C GLN A 77 20.16 -20.44 -8.60
N ILE A 78 20.42 -21.61 -8.00
CA ILE A 78 21.78 -22.16 -8.01
C ILE A 78 22.18 -22.48 -9.44
N LEU A 79 21.28 -23.14 -10.17
CA LEU A 79 21.54 -23.48 -11.56
C LEU A 79 21.64 -22.22 -12.42
N ALA A 80 20.67 -21.32 -12.29
CA ALA A 80 20.63 -20.13 -13.11
C ALA A 80 21.81 -19.18 -12.86
N LEU A 81 22.15 -18.91 -11.59
CA LEU A 81 23.24 -17.98 -11.33
C LEU A 81 24.61 -18.56 -11.70
N SER A 82 24.79 -19.86 -11.50
CA SER A 82 26.04 -20.51 -11.93
C SER A 82 26.20 -20.45 -13.45
N SER A 83 25.08 -20.46 -14.17
CA SER A 83 25.12 -20.43 -15.63
C SER A 83 25.46 -19.03 -16.16
N ARG A 84 25.43 -18.04 -15.27
CA ARG A 84 25.76 -16.67 -15.66
C ARG A 84 27.12 -16.23 -15.14
N GLY A 85 27.91 -17.18 -14.64
CA GLY A 85 29.30 -16.91 -14.26
C GLY A 85 29.49 -16.51 -12.81
N TYR A 86 28.59 -16.97 -11.96
CA TYR A 86 28.70 -16.71 -10.52
C TYR A 86 28.91 -18.01 -9.78
N ARG A 87 29.54 -17.92 -8.62
CA ARG A 87 29.68 -19.08 -7.75
C ARG A 87 28.48 -19.06 -6.78
N ALA A 88 27.47 -19.88 -7.09
CA ALA A 88 26.29 -20.01 -6.23
C ALA A 88 26.61 -20.89 -5.02
N VAL A 89 26.36 -20.36 -3.82
CA VAL A 89 26.59 -21.08 -2.58
C VAL A 89 25.32 -21.05 -1.70
N ALA A 90 24.85 -22.22 -1.28
CA ALA A 90 23.64 -22.28 -0.45
C ALA A 90 23.80 -23.34 0.63
N PRO A 91 23.93 -22.90 1.90
CA PRO A 91 24.06 -23.84 3.01
C PRO A 91 22.70 -24.26 3.53
N ASP A 92 22.66 -25.38 4.26
CA ASP A 92 21.56 -25.61 5.18
C ASP A 92 21.93 -24.82 6.43
N LEU A 93 21.01 -24.01 6.93
CA LEU A 93 21.27 -23.22 8.14
C LEU A 93 21.35 -24.08 9.41
N ARG A 94 21.91 -23.51 10.49
CA ARG A 94 21.97 -24.20 11.79
C ARG A 94 20.62 -24.83 12.12
N GLY A 95 20.64 -26.12 12.47
CA GLY A 95 19.41 -26.84 12.80
C GLY A 95 18.65 -27.47 11.64
N TYR A 96 19.17 -27.33 10.41
CA TYR A 96 18.42 -27.82 9.25
C TYR A 96 19.17 -28.83 8.39
N GLY A 97 18.44 -29.76 7.77
CA GLY A 97 18.97 -30.66 6.76
C GLY A 97 20.19 -31.43 7.21
N ASP A 98 21.28 -31.28 6.47
CA ASP A 98 22.51 -31.97 6.83
C ASP A 98 23.49 -31.09 7.61
N THR A 99 23.02 -29.96 8.12
CA THR A 99 23.84 -29.13 8.99
C THR A 99 23.55 -29.52 10.43
N GLU A 100 24.57 -29.48 11.28
CA GLU A 100 24.44 -29.74 12.72
C GLU A 100 23.29 -28.99 13.41
N ALA A 101 22.54 -29.69 14.26
CA ALA A 101 21.49 -29.08 15.08
C ALA A 101 21.81 -29.16 16.57
N PRO A 102 22.52 -28.15 17.09
CA PRO A 102 22.83 -28.04 18.52
C PRO A 102 21.61 -28.34 19.40
N GLU A 103 21.82 -28.98 20.54
CA GLU A 103 20.70 -29.46 21.35
C GLU A 103 19.96 -28.39 22.14
N SER A 104 20.67 -27.33 22.53
N SER A 104 20.66 -27.34 22.55
CA SER A 104 20.10 -26.29 23.39
CA SER A 104 20.06 -26.30 23.40
C SER A 104 19.39 -25.18 22.59
C SER A 104 19.39 -25.18 22.60
N ILE A 105 18.20 -24.79 23.06
CA ILE A 105 17.45 -23.70 22.42
C ILE A 105 18.27 -22.41 22.39
N SER A 106 19.08 -22.20 23.41
CA SER A 106 19.87 -20.98 23.54
C SER A 106 21.00 -20.85 22.49
N SER A 107 21.30 -21.94 21.79
CA SER A 107 22.28 -21.91 20.71
C SER A 107 21.67 -21.45 19.39
N TYR A 108 20.48 -20.83 19.44
CA TYR A 108 19.80 -20.43 18.21
C TYR A 108 19.45 -18.94 18.14
N THR A 109 20.11 -18.13 18.97
CA THR A 109 19.93 -16.69 18.91
C THR A 109 20.45 -16.16 17.59
N ILE A 110 20.01 -14.95 17.23
CA ILE A 110 20.52 -14.23 16.08
C ILE A 110 22.06 -14.10 16.05
N MET A 111 22.67 -14.05 17.22
CA MET A 111 24.13 -13.94 17.31
C MET A 111 24.79 -15.21 16.83
N HIS A 112 24.21 -16.35 17.16
CA HIS A 112 24.79 -17.61 16.73
C HIS A 112 24.64 -17.75 15.22
N LEU A 113 23.46 -17.41 14.73
CA LEU A 113 23.12 -17.55 13.32
C LEU A 113 24.01 -16.68 12.44
N VAL A 114 24.14 -15.39 12.77
CA VAL A 114 25.01 -14.52 11.96
C VAL A 114 26.48 -14.95 12.10
N GLY A 115 26.86 -15.39 13.29
CA GLY A 115 28.20 -15.91 13.52
C GLY A 115 28.54 -17.03 12.55
N ASP A 116 27.60 -17.95 12.35
CA ASP A 116 27.76 -19.07 11.41
C ASP A 116 28.04 -18.54 10.00
N ILE A 117 27.25 -17.56 9.58
CA ILE A 117 27.33 -17.12 8.22
C ILE A 117 28.60 -16.31 7.98
N VAL A 118 29.00 -15.52 8.98
CA VAL A 118 30.28 -14.84 8.90
C VAL A 118 31.41 -15.86 8.79
N ALA A 119 31.41 -16.90 9.63
CA ALA A 119 32.43 -17.95 9.53
C ALA A 119 32.40 -18.58 8.14
N LEU A 120 31.20 -18.82 7.62
CA LEU A 120 31.06 -19.48 6.31
C LEU A 120 31.66 -18.62 5.18
N ILE A 121 31.34 -17.32 5.22
CA ILE A 121 31.88 -16.37 4.24
C ILE A 121 33.41 -16.36 4.28
N ASP A 122 33.98 -16.33 5.48
CA ASP A 122 35.44 -16.40 5.63
C ASP A 122 36.04 -17.72 5.13
N SER A 123 35.26 -18.80 5.20
CA SER A 123 35.74 -20.10 4.72
C SER A 123 35.78 -20.17 3.20
N LEU A 124 35.11 -19.24 2.54
CA LEU A 124 35.00 -19.24 1.07
C LEU A 124 36.24 -18.64 0.42
N GLY A 125 37.04 -17.91 1.18
CA GLY A 125 38.28 -17.36 0.68
C GLY A 125 38.05 -16.15 -0.21
N VAL A 126 36.95 -15.44 0.04
CA VAL A 126 36.63 -14.24 -0.70
C VAL A 126 36.44 -13.11 0.29
N GLY A 127 36.66 -11.87 -0.15
CA GLY A 127 36.45 -10.72 0.70
C GLY A 127 34.99 -10.31 0.88
N GLN A 128 34.20 -10.44 -0.19
CA GLN A 128 32.79 -10.08 -0.15
C GLN A 128 31.94 -11.10 -0.89
N VAL A 129 30.63 -11.10 -0.60
CA VAL A 129 29.68 -11.90 -1.36
C VAL A 129 28.49 -11.03 -1.73
N PHE A 130 27.76 -11.43 -2.77
CA PHE A 130 26.42 -10.91 -2.95
C PHE A 130 25.58 -11.81 -2.07
N LEU A 131 24.52 -11.26 -1.48
CA LEU A 131 23.69 -12.01 -0.54
C LEU A 131 22.26 -12.08 -1.05
N VAL A 132 21.68 -13.28 -0.99
CA VAL A 132 20.27 -13.44 -1.35
C VAL A 132 19.65 -14.28 -0.24
N ALA A 133 18.50 -13.86 0.28
CA ALA A 133 17.90 -14.59 1.39
C ALA A 133 16.39 -14.45 1.42
N HIS A 134 15.77 -15.34 2.19
CA HIS A 134 14.33 -15.48 2.23
C HIS A 134 13.90 -15.84 3.64
N ASP A 135 12.82 -15.21 4.12
CA ASP A 135 12.18 -15.62 5.39
C ASP A 135 13.20 -15.52 6.54
N TRP A 136 13.29 -16.53 7.40
CA TRP A 136 14.25 -16.43 8.52
C TRP A 136 15.67 -16.17 8.03
N GLY A 137 15.99 -16.69 6.84
CA GLY A 137 17.31 -16.47 6.27
C GLY A 137 17.54 -15.00 5.99
N ALA A 138 16.47 -14.30 5.62
CA ALA A 138 16.54 -12.86 5.36
C ALA A 138 16.75 -12.08 6.65
N ILE A 139 16.14 -12.54 7.74
CA ILE A 139 16.42 -11.92 9.06
C ILE A 139 17.90 -12.07 9.44
N VAL A 140 18.46 -13.28 9.28
CA VAL A 140 19.90 -13.48 9.50
C VAL A 140 20.65 -12.51 8.59
N GLY A 141 20.20 -12.43 7.33
CA GLY A 141 20.81 -11.54 6.34
C GLY A 141 20.79 -10.05 6.71
N TRP A 142 19.68 -9.57 7.29
CA TRP A 142 19.63 -8.19 7.76
C TRP A 142 20.66 -7.91 8.86
N TYR A 143 20.77 -8.81 9.83
CA TYR A 143 21.72 -8.60 10.93
C TYR A 143 23.14 -8.80 10.45
N LEU A 144 23.32 -9.67 9.47
CA LEU A 144 24.62 -9.80 8.81
C LEU A 144 25.04 -8.50 8.14
N CYS A 145 24.09 -7.84 7.48
CA CYS A 145 24.35 -6.54 6.85
C CYS A 145 24.62 -5.43 7.87
N LEU A 146 23.95 -5.52 9.03
CA LEU A 146 24.25 -4.60 10.14
C LEU A 146 25.62 -4.87 10.79
N PHE A 147 25.94 -6.13 11.04
CA PHE A 147 27.13 -6.47 11.83
C PHE A 147 28.43 -6.35 11.04
N ARG A 148 28.42 -6.86 9.81
CA ARG A 148 29.63 -6.88 9.00
C ARG A 148 29.32 -6.41 7.58
N PRO A 149 28.93 -5.14 7.43
CA PRO A 149 28.50 -4.67 6.10
C PRO A 149 29.59 -4.77 5.03
N GLU A 150 30.86 -4.70 5.44
CA GLU A 150 31.96 -4.72 4.47
C GLU A 150 32.04 -6.07 3.76
N LYS A 151 31.38 -7.09 4.30
CA LYS A 151 31.37 -8.41 3.68
C LYS A 151 30.29 -8.59 2.61
N ILE A 152 29.36 -7.64 2.53
CA ILE A 152 28.21 -7.78 1.65
C ILE A 152 28.23 -6.70 0.60
N LYS A 153 28.39 -7.08 -0.67
CA LYS A 153 28.40 -6.09 -1.74
C LYS A 153 27.00 -5.55 -1.99
N ALA A 154 26.03 -6.45 -2.07
CA ALA A 154 24.63 -6.08 -2.31
C ALA A 154 23.72 -7.20 -1.83
N TYR A 155 22.48 -6.87 -1.51
CA TYR A 155 21.60 -7.82 -0.85
C TYR A 155 20.27 -7.89 -1.60
N VAL A 156 19.91 -9.08 -2.06
CA VAL A 156 18.54 -9.30 -2.57
C VAL A 156 17.73 -9.99 -1.49
N CYS A 157 16.73 -9.29 -0.98
CA CYS A 157 16.00 -9.74 0.20
C CYS A 157 14.59 -10.14 -0.21
N LEU A 158 14.20 -11.37 0.11
CA LEU A 158 12.88 -11.89 -0.25
C LEU A 158 11.98 -12.00 0.97
N SER A 159 10.74 -11.55 0.83
CA SER A 159 9.66 -11.75 1.80
C SER A 159 9.71 -10.85 3.04
N VAL A 160 10.81 -10.92 3.79
CA VAL A 160 10.87 -10.24 5.07
C VAL A 160 11.73 -8.98 5.01
N PRO A 161 11.10 -7.79 5.12
CA PRO A 161 11.90 -6.57 5.06
C PRO A 161 12.60 -6.30 6.39
N PHE A 162 13.45 -5.28 6.42
CA PHE A 162 14.10 -4.88 7.65
C PHE A 162 13.04 -4.58 8.70
N MET A 163 13.32 -4.96 9.93
CA MET A 163 12.39 -4.67 11.02
C MET A 163 13.13 -3.93 12.10
N PRO A 164 12.87 -2.61 12.20
CA PRO A 164 13.60 -1.84 13.20
C PRO A 164 13.21 -2.29 14.61
N ARG A 165 14.18 -2.27 15.52
CA ARG A 165 13.95 -2.73 16.89
C ARG A 165 13.02 -1.79 17.64
N ASN A 166 12.00 -2.35 18.27
CA ASN A 166 11.12 -1.56 19.13
C ASN A 166 11.53 -1.71 20.60
N PRO A 167 12.16 -0.67 21.16
CA PRO A 167 12.68 -0.80 22.52
C PRO A 167 11.62 -0.70 23.61
N LYS A 168 10.38 -0.39 23.25
CA LYS A 168 9.31 -0.25 24.23
C LYS A 168 8.64 -1.58 24.59
N VAL A 169 8.71 -2.56 23.69
CA VAL A 169 8.03 -3.85 23.91
C VAL A 169 8.80 -5.02 23.28
N ARG A 170 8.74 -6.18 23.93
CA ARG A 170 9.38 -7.38 23.39
C ARG A 170 8.53 -7.89 22.24
N PRO A 171 9.16 -8.46 21.20
CA PRO A 171 8.46 -8.81 19.95
C PRO A 171 7.30 -9.78 20.16
N VAL A 172 7.51 -10.84 20.93
CA VAL A 172 6.47 -11.83 21.15
C VAL A 172 5.33 -11.21 21.95
N ASP A 173 5.69 -10.43 22.96
CA ASP A 173 4.72 -9.68 23.75
C ASP A 173 3.83 -8.84 22.83
N ALA A 174 4.44 -8.10 21.91
CA ALA A 174 3.69 -7.27 20.97
C ALA A 174 2.79 -8.09 20.06
N MET A 175 3.27 -9.23 19.59
CA MET A 175 2.45 -10.10 18.75
C MET A 175 1.23 -10.59 19.54
N ARG A 176 1.46 -10.94 20.80
CA ARG A 176 0.39 -11.39 21.68
C ARG A 176 -0.65 -10.29 21.91
N ALA A 177 -0.20 -9.06 22.12
CA ALA A 177 -1.10 -7.93 22.33
C ALA A 177 -1.89 -7.57 21.06
N LEU A 178 -1.35 -7.94 19.90
CA LEU A 178 -1.97 -7.57 18.64
C LEU A 178 -2.79 -8.70 17.98
N TYR A 179 -2.34 -9.94 18.11
CA TYR A 179 -3.02 -11.05 17.46
C TYR A 179 -3.55 -12.10 18.43
N GLY A 180 -3.18 -11.98 19.71
CA GLY A 180 -3.66 -12.89 20.73
C GLY A 180 -2.79 -14.13 20.87
N ASP A 181 -3.13 -14.99 21.84
CA ASP A 181 -2.30 -16.16 22.16
C ASP A 181 -2.18 -17.20 21.05
N ASP A 182 -3.07 -17.14 20.07
CA ASP A 182 -3.10 -18.17 19.03
C ASP A 182 -2.36 -17.81 17.74
N TYR A 183 -1.82 -16.58 17.70
CA TYR A 183 -0.90 -16.21 16.64
C TYR A 183 0.22 -17.26 16.58
N TYR A 184 0.55 -17.73 15.37
CA TYR A 184 1.44 -18.89 15.23
C TYR A 184 2.78 -18.75 15.98
N ILE A 185 3.40 -17.58 15.89
CA ILE A 185 4.69 -17.38 16.54
C ILE A 185 4.56 -17.48 18.06
N CYS A 186 3.45 -16.98 18.61
CA CYS A 186 3.17 -17.14 20.04
C CYS A 186 3.07 -18.61 20.40
N ARG A 187 2.38 -19.37 19.56
CA ARG A 187 2.22 -20.79 19.80
C ARG A 187 3.50 -21.59 19.53
N PHE A 188 4.43 -20.99 18.78
CA PHE A 188 5.70 -21.66 18.49
C PHE A 188 6.64 -21.63 19.70
N GLN A 189 6.31 -20.82 20.69
CA GLN A 189 7.25 -20.56 21.79
C GLN A 189 7.54 -21.76 22.71
N GLU A 190 6.49 -22.44 23.16
CA GLU A 190 6.66 -23.52 24.12
C GLU A 190 7.30 -24.73 23.45
N PRO A 191 8.40 -25.24 24.04
CA PRO A 191 9.11 -26.41 23.48
C PRO A 191 8.17 -27.61 23.29
N GLY A 192 8.33 -28.34 22.19
CA GLY A 192 7.51 -29.52 21.94
C GLY A 192 6.13 -29.37 21.30
N LYS A 193 5.39 -28.31 21.64
CA LYS A 193 3.98 -28.19 21.25
C LYS A 193 3.72 -28.08 19.74
N ALA A 194 4.43 -27.17 19.09
CA ALA A 194 4.26 -26.97 17.65
C ALA A 194 4.69 -28.23 16.91
N GLU A 195 5.77 -28.85 17.39
CA GLU A 195 6.25 -30.13 16.88
C GLU A 195 5.13 -31.17 16.88
N ALA A 196 4.46 -31.30 18.02
CA ALA A 196 3.37 -32.25 18.18
C ALA A 196 2.18 -31.85 17.33
N LEU A 197 1.84 -30.57 17.36
CA LEU A 197 0.71 -30.03 16.60
C LEU A 197 0.81 -30.38 15.11
N TYR A 198 2.03 -30.31 14.58
CA TYR A 198 2.31 -30.67 13.19
C TYR A 198 2.34 -32.19 12.99
N GLY A 199 3.43 -32.81 13.45
CA GLY A 199 3.68 -34.23 13.25
C GLY A 199 2.59 -35.17 13.73
N SER A 200 1.68 -34.65 14.56
CA SER A 200 0.51 -35.40 15.01
C SER A 200 -0.76 -34.54 14.98
N ASN A 203 4.55 -38.56 8.92
CA ASN A 203 3.83 -37.81 7.90
C ASN A 203 4.39 -36.40 7.69
N ILE A 204 5.68 -36.22 7.97
CA ILE A 204 6.29 -34.90 7.87
C ILE A 204 6.26 -34.39 6.41
N GLY A 205 6.25 -35.32 5.47
CA GLY A 205 6.12 -34.97 4.07
C GLY A 205 4.85 -34.19 3.81
N GLU A 206 3.73 -34.69 4.32
CA GLU A 206 2.45 -34.00 4.15
C GLU A 206 2.45 -32.65 4.87
N VAL A 207 3.07 -32.59 6.04
CA VAL A 207 3.15 -31.36 6.81
C VAL A 207 3.94 -30.29 6.05
N ILE A 208 5.08 -30.68 5.50
CA ILE A 208 5.90 -29.76 4.71
C ILE A 208 5.13 -29.29 3.47
N LYS A 209 4.43 -30.22 2.84
CA LYS A 209 3.67 -29.94 1.62
C LYS A 209 2.59 -28.89 1.88
N SER A 210 1.78 -29.09 2.91
CA SER A 210 0.73 -28.12 3.24
C SER A 210 1.30 -26.74 3.63
N ILE A 211 2.43 -26.73 4.34
CA ILE A 211 3.07 -25.44 4.64
C ILE A 211 3.53 -24.74 3.36
N LEU A 212 4.17 -25.48 2.46
CA LEU A 212 4.73 -24.92 1.25
C LEU A 212 3.66 -24.47 0.24
N THR A 213 2.53 -25.18 0.20
CA THR A 213 1.48 -24.88 -0.79
C THR A 213 0.41 -23.91 -0.26
N ASN A 214 0.52 -23.52 1.00
CA ASN A 214 -0.40 -22.55 1.61
C ASN A 214 -0.41 -21.21 0.87
N ARG A 215 -1.60 -20.68 0.59
CA ARG A 215 -1.74 -19.39 -0.09
C ARG A 215 -2.67 -18.42 0.66
N ARG A 216 -3.04 -18.78 1.89
CA ARG A 216 -3.92 -17.92 2.68
C ARG A 216 -3.22 -16.65 3.16
N PRO A 217 -3.67 -15.47 2.73
CA PRO A 217 -3.00 -14.26 3.20
C PRO A 217 -3.36 -13.93 4.65
N GLY A 218 -2.71 -12.90 5.19
CA GLY A 218 -2.99 -12.43 6.54
C GLY A 218 -2.31 -13.23 7.64
N PRO A 219 -2.37 -12.72 8.88
CA PRO A 219 -1.73 -13.37 10.03
C PRO A 219 -2.22 -14.80 10.27
N PRO A 220 -1.29 -15.76 10.34
CA PRO A 220 -1.68 -17.15 10.63
C PRO A 220 -2.10 -17.26 12.07
N ILE A 221 -3.39 -17.50 12.30
CA ILE A 221 -3.94 -17.59 13.64
C ILE A 221 -4.46 -19.00 13.83
N LEU A 222 -3.83 -19.77 14.72
CA LEU A 222 -4.27 -21.14 14.95
C LEU A 222 -5.59 -21.18 15.74
N PRO A 223 -6.31 -22.33 15.66
CA PRO A 223 -7.47 -22.45 16.55
C PRO A 223 -6.97 -22.57 17.99
N LYS A 224 -7.86 -22.38 18.97
CA LYS A 224 -7.45 -22.51 20.38
C LYS A 224 -6.72 -23.83 20.65
N GLU A 225 -5.86 -23.84 21.67
CA GLU A 225 -5.15 -25.06 22.04
C GLU A 225 -6.16 -26.15 22.38
N GLY A 226 -5.92 -27.35 21.88
CA GLY A 226 -6.84 -28.47 22.10
C GLY A 226 -7.89 -28.59 21.00
N VAL A 227 -7.83 -27.70 20.00
CA VAL A 227 -8.71 -27.79 18.84
C VAL A 227 -7.90 -28.19 17.60
N ALA A 228 -8.44 -29.09 16.78
CA ALA A 228 -7.74 -29.58 15.59
C ALA A 228 -7.46 -28.47 14.59
N LEU A 229 -6.28 -28.52 13.96
CA LEU A 229 -6.00 -27.67 12.81
C LEU A 229 -7.01 -28.00 11.70
N PRO A 230 -7.58 -26.97 11.06
CA PRO A 230 -8.54 -27.15 9.95
C PRO A 230 -8.00 -28.09 8.84
N SER A 231 -6.67 -28.15 8.72
CA SER A 231 -5.99 -29.01 7.77
C SER A 231 -6.43 -30.47 7.83
N GLY A 232 -6.40 -31.06 9.03
CA GLY A 232 -6.66 -32.48 9.22
C GLY A 232 -8.06 -32.96 8.86
N SER A 233 -8.99 -32.01 8.75
CA SER A 233 -10.36 -32.30 8.31
C SER A 233 -10.50 -32.26 6.78
N LEU A 234 -9.52 -31.66 6.12
CA LEU A 234 -9.54 -31.52 4.66
C LEU A 234 -8.53 -32.45 3.98
N PRO A 235 -8.83 -32.86 2.73
CA PRO A 235 -7.83 -33.67 2.02
C PRO A 235 -6.60 -32.83 1.74
N SER A 236 -5.42 -33.42 1.63
CA SER A 236 -4.23 -32.67 1.29
C SER A 236 -4.43 -32.02 -0.07
N ARG A 237 -4.14 -30.72 -0.17
CA ARG A 237 -4.35 -30.03 -1.45
C ARG A 237 -3.33 -30.49 -2.49
N PRO A 238 -3.74 -30.60 -3.77
CA PRO A 238 -2.83 -31.05 -4.83
C PRO A 238 -1.64 -30.10 -5.00
N LEU A 239 -0.54 -30.58 -5.58
CA LEU A 239 0.63 -29.74 -5.76
C LEU A 239 0.37 -28.65 -6.79
N PRO A 240 0.91 -27.44 -6.55
CA PRO A 240 0.89 -26.38 -7.56
C PRO A 240 1.96 -26.70 -8.58
N SER A 241 1.96 -26.00 -9.71
CA SER A 241 2.86 -26.30 -10.82
C SER A 241 4.36 -26.24 -10.47
N TRP A 242 4.74 -25.40 -9.50
CA TRP A 242 6.14 -25.14 -9.19
C TRP A 242 6.77 -26.15 -8.24
N LEU A 243 5.96 -27.05 -7.71
CA LEU A 243 6.41 -27.99 -6.70
C LEU A 243 6.04 -29.41 -7.10
N SER A 244 7.07 -30.23 -7.30
CA SER A 244 6.89 -31.61 -7.73
C SER A 244 6.86 -32.57 -6.55
N GLU A 245 6.45 -33.82 -6.80
CA GLU A 245 6.47 -34.86 -5.76
C GLU A 245 7.90 -35.19 -5.36
N GLU A 246 8.81 -35.16 -6.33
CA GLU A 246 10.23 -35.40 -6.06
C GLU A 246 10.73 -34.33 -5.10
N ASP A 247 10.25 -33.10 -5.28
CA ASP A 247 10.61 -32.01 -4.37
C ASP A 247 10.15 -32.31 -2.96
N VAL A 248 8.85 -32.58 -2.84
CA VAL A 248 8.26 -32.92 -1.55
C VAL A 248 8.99 -34.12 -0.90
N THR A 249 9.35 -35.11 -1.72
CA THR A 249 10.13 -36.25 -1.22
C THR A 249 11.50 -35.85 -0.67
N TYR A 250 12.17 -34.94 -1.34
CA TYR A 250 13.48 -34.53 -0.88
C TYR A 250 13.32 -33.81 0.46
N TYR A 251 12.36 -32.88 0.52
CA TYR A 251 12.15 -32.13 1.76
C TYR A 251 11.87 -33.10 2.90
N ALA A 252 10.99 -34.07 2.65
CA ALA A 252 10.58 -35.01 3.68
C ALA A 252 11.73 -35.88 4.17
N SER A 253 12.63 -36.25 3.27
CA SER A 253 13.77 -37.09 3.66
C SER A 253 14.63 -36.37 4.70
N LYS A 254 14.75 -35.05 4.57
CA LYS A 254 15.62 -34.33 5.49
C LYS A 254 14.89 -34.07 6.80
N PHE A 255 13.66 -33.61 6.72
CA PHE A 255 12.93 -33.29 7.93
C PHE A 255 12.45 -34.51 8.71
N SER A 256 12.38 -35.68 8.06
CA SER A 256 12.10 -36.94 8.78
C SER A 256 13.14 -37.21 9.86
N LYS A 257 14.38 -36.78 9.61
CA LYS A 257 15.48 -37.03 10.54
C LYS A 257 15.60 -35.93 11.57
N THR A 258 15.55 -34.69 11.10
CA THR A 258 15.87 -33.55 11.94
C THR A 258 14.68 -33.15 12.81
N GLY A 259 13.48 -33.37 12.28
CA GLY A 259 12.29 -32.75 12.82
C GLY A 259 12.35 -31.25 12.55
N LEU A 260 11.42 -30.51 13.13
CA LEU A 260 11.30 -29.08 12.92
C LEU A 260 11.90 -28.27 14.06
N THR A 261 12.33 -28.97 15.11
CA THR A 261 12.81 -28.32 16.34
C THR A 261 13.89 -27.25 16.08
N GLY A 262 14.92 -27.59 15.32
CA GLY A 262 15.98 -26.65 14.99
C GLY A 262 15.46 -25.37 14.40
N GLY A 263 14.58 -25.49 13.39
CA GLY A 263 14.01 -24.32 12.77
C GLY A 263 13.11 -23.53 13.70
N LEU A 264 12.32 -24.24 14.50
CA LEU A 264 11.39 -23.61 15.43
C LEU A 264 12.15 -22.85 16.50
N ASN A 265 13.33 -23.33 16.85
CA ASN A 265 14.15 -22.68 17.87
C ASN A 265 14.56 -21.26 17.50
N TYR A 266 14.56 -20.94 16.21
CA TYR A 266 14.83 -19.55 15.81
C TYR A 266 13.75 -18.64 16.41
N TYR A 267 12.48 -19.08 16.35
CA TYR A 267 11.36 -18.26 16.83
C TYR A 267 11.42 -18.19 18.35
N ARG A 268 11.97 -19.25 18.94
CA ARG A 268 11.99 -19.35 20.39
C ARG A 268 13.03 -18.43 20.99
N ASN A 269 13.81 -17.79 20.14
CA ASN A 269 14.79 -16.82 20.64
C ASN A 269 14.46 -15.36 20.30
N LEU A 270 13.27 -15.11 19.78
CA LEU A 270 12.85 -13.74 19.45
C LEU A 270 13.00 -12.74 20.61
N ASN A 271 12.50 -13.08 21.79
CA ASN A 271 12.59 -12.15 22.93
C ASN A 271 14.03 -11.97 23.42
N LEU A 272 14.81 -13.05 23.43
CA LEU A 272 16.21 -12.94 23.80
C LEU A 272 16.95 -12.11 22.75
N ASN A 273 16.64 -12.36 21.47
CA ASN A 273 17.26 -11.61 20.38
C ASN A 273 17.07 -10.11 20.60
N TRP A 274 15.87 -9.76 21.05
CA TRP A 274 15.51 -8.38 21.33
C TRP A 274 16.41 -7.74 22.40
N GLU A 275 16.62 -8.43 23.52
CA GLU A 275 17.61 -7.99 24.51
C GLU A 275 19.00 -7.86 23.91
N LEU A 276 19.41 -8.86 23.15
CA LEU A 276 20.78 -8.93 22.64
C LEU A 276 21.08 -7.89 21.56
N THR A 277 20.05 -7.38 20.87
CA THR A 277 20.27 -6.43 19.77
C THR A 277 20.01 -4.96 20.13
N ALA A 278 19.95 -4.66 21.42
CA ALA A 278 19.70 -3.30 21.92
C ALA A 278 20.64 -2.26 21.32
N ALA A 279 21.89 -2.66 21.07
CA ALA A 279 22.87 -1.76 20.48
C ALA A 279 22.48 -1.28 19.06
N TRP A 280 21.59 -2.00 18.38
CA TRP A 280 21.16 -1.57 17.03
C TRP A 280 19.80 -0.88 16.96
N THR A 281 19.32 -0.38 18.10
CA THR A 281 18.14 0.48 18.08
C THR A 281 18.46 1.71 17.24
N GLY A 282 17.57 2.04 16.31
CA GLY A 282 17.78 3.19 15.45
C GLY A 282 18.95 3.08 14.49
N ALA A 283 19.46 1.87 14.30
CA ALA A 283 20.53 1.65 13.32
C ALA A 283 19.99 1.67 11.90
N LYS A 284 20.87 1.92 10.93
CA LYS A 284 20.47 1.91 9.53
C LYS A 284 21.32 0.88 8.79
N VAL A 285 20.71 0.18 7.82
CA VAL A 285 21.47 -0.73 6.98
C VAL A 285 22.08 0.05 5.81
N LYS A 286 23.41 0.01 5.66
CA LYS A 286 24.06 0.76 4.58
C LYS A 286 24.41 -0.08 3.35
N VAL A 287 23.99 -1.35 3.33
CA VAL A 287 24.23 -2.18 2.16
C VAL A 287 23.09 -1.91 1.15
N PRO A 288 23.40 -1.84 -0.16
CA PRO A 288 22.35 -1.68 -1.17
C PRO A 288 21.45 -2.91 -1.20
N VAL A 289 20.14 -2.71 -1.29
CA VAL A 289 19.16 -3.80 -1.19
C VAL A 289 18.14 -3.75 -2.32
N LYS A 290 17.79 -4.91 -2.85
CA LYS A 290 16.62 -5.04 -3.72
C LYS A 290 15.65 -5.92 -2.94
N PHE A 291 14.48 -5.41 -2.61
CA PHE A 291 13.50 -6.19 -1.86
C PHE A 291 12.41 -6.69 -2.78
N ILE A 292 12.07 -7.97 -2.63
CA ILE A 292 11.08 -8.62 -3.49
C ILE A 292 10.14 -9.51 -2.69
N THR A 293 8.83 -9.32 -2.89
CA THR A 293 7.81 -10.10 -2.18
C THR A 293 6.65 -10.42 -3.10
N GLY A 294 5.96 -11.52 -2.84
CA GLY A 294 4.68 -11.74 -3.50
C GLY A 294 3.60 -10.95 -2.75
N ASP A 295 2.52 -10.57 -3.43
CA ASP A 295 1.52 -9.77 -2.72
C ASP A 295 0.59 -10.60 -1.85
N LEU A 296 0.65 -11.93 -1.99
CA LEU A 296 -0.13 -12.84 -1.15
C LEU A 296 0.70 -13.35 0.02
N ASP A 297 1.94 -12.87 0.11
CA ASP A 297 2.82 -13.28 1.21
C ASP A 297 2.19 -12.94 2.56
N VAL A 298 2.11 -13.94 3.43
CA VAL A 298 1.68 -13.76 4.82
C VAL A 298 2.36 -12.54 5.48
N VAL A 299 3.67 -12.40 5.27
CA VAL A 299 4.40 -11.27 5.83
C VAL A 299 3.88 -9.93 5.29
N TYR A 300 3.88 -9.78 3.97
CA TYR A 300 3.39 -8.56 3.31
C TYR A 300 1.97 -8.18 3.75
N THR A 301 1.12 -9.18 3.99
CA THR A 301 -0.29 -8.94 4.31
C THR A 301 -0.55 -9.00 5.81
N SER A 302 0.51 -8.86 6.61
CA SER A 302 0.36 -8.75 8.05
C SER A 302 0.41 -7.28 8.40
N LEU A 303 -0.25 -6.91 9.49
CA LEU A 303 -0.33 -5.52 9.93
C LEU A 303 1.03 -4.83 9.98
N GLY A 304 1.07 -3.64 9.40
CA GLY A 304 2.25 -2.81 9.48
C GLY A 304 3.19 -2.92 8.30
N ILE A 305 3.43 -4.14 7.83
CA ILE A 305 4.48 -4.38 6.82
C ILE A 305 4.31 -3.55 5.54
N LYS A 306 3.16 -3.64 4.88
CA LYS A 306 2.95 -2.82 3.67
C LYS A 306 3.03 -1.33 3.99
N ASP A 307 2.44 -0.93 5.12
CA ASP A 307 2.53 0.46 5.57
C ASP A 307 4.00 0.82 5.82
N TYR A 308 4.72 -0.05 6.51
CA TYR A 308 6.16 0.15 6.70
C TYR A 308 6.89 0.39 5.37
N ILE A 309 6.59 -0.42 4.36
CA ILE A 309 7.16 -0.22 3.02
C ILE A 309 6.70 1.07 2.34
N ASP A 310 5.39 1.29 2.28
CA ASP A 310 4.88 2.41 1.49
C ASP A 310 5.00 3.77 2.18
N SER A 311 5.14 3.78 3.50
CA SER A 311 5.27 5.03 4.23
C SER A 311 6.63 5.66 4.03
N GLY A 312 7.56 4.91 3.44
CA GLY A 312 8.93 5.37 3.33
C GLY A 312 9.81 5.02 4.52
N ALA A 313 9.23 4.32 5.50
CA ALA A 313 9.97 3.92 6.71
C ALA A 313 11.08 2.93 6.37
N PHE A 314 10.77 2.02 5.45
CA PHE A 314 11.74 1.02 4.96
C PHE A 314 12.95 1.76 4.37
N LYS A 315 12.67 2.68 3.46
CA LYS A 315 13.70 3.48 2.81
C LYS A 315 14.50 4.31 3.81
N ARG A 316 13.84 4.82 4.86
CA ARG A 316 14.53 5.56 5.90
C ARG A 316 15.56 4.66 6.57
N ASP A 317 15.15 3.45 6.92
CA ASP A 317 16.02 2.53 7.65
C ASP A 317 17.11 1.90 6.78
N VAL A 318 16.85 1.85 5.48
CA VAL A 318 17.72 1.17 4.51
C VAL A 318 17.91 2.11 3.33
N PRO A 319 18.75 3.14 3.52
CA PRO A 319 18.84 4.26 2.58
C PRO A 319 19.24 3.88 1.17
N TYR A 320 19.92 2.76 0.99
CA TYR A 320 20.23 2.31 -0.36
C TYR A 320 19.36 1.18 -0.86
N LEU A 321 18.14 1.13 -0.31
CA LEU A 321 17.10 0.27 -0.88
C LEU A 321 16.70 0.77 -2.28
N GLU A 322 16.81 -0.10 -3.28
CA GLU A 322 16.33 0.20 -4.62
C GLU A 322 14.81 0.05 -4.69
N GLU A 323 14.26 0.16 -5.89
CA GLU A 323 12.80 0.04 -6.03
C GLU A 323 12.27 -1.36 -5.66
N VAL A 324 11.39 -1.38 -4.66
CA VAL A 324 10.72 -2.59 -4.17
C VAL A 324 9.96 -3.33 -5.28
N VAL A 325 10.10 -4.65 -5.32
CA VAL A 325 9.36 -5.44 -6.32
C VAL A 325 8.24 -6.24 -5.64
N VAL A 326 7.00 -5.98 -6.07
CA VAL A 326 5.82 -6.71 -5.55
C VAL A 326 5.33 -7.67 -6.66
N GLN A 327 5.33 -8.98 -6.39
CA GLN A 327 4.95 -9.97 -7.39
C GLN A 327 3.47 -10.38 -7.32
N GLU A 328 2.72 -9.88 -8.29
CA GLU A 328 1.31 -10.13 -8.48
C GLU A 328 0.93 -11.60 -8.42
N GLY A 329 0.01 -11.94 -7.53
CA GLY A 329 -0.49 -13.30 -7.44
C GLY A 329 0.53 -14.32 -6.94
N VAL A 330 1.56 -13.86 -6.24
CA VAL A 330 2.58 -14.76 -5.67
C VAL A 330 2.48 -14.77 -4.15
N ALA A 331 2.60 -15.94 -3.54
CA ALA A 331 2.54 -16.08 -2.09
C ALA A 331 3.93 -16.08 -1.44
N HIS A 332 4.04 -16.66 -0.26
CA HIS A 332 5.23 -16.54 0.57
C HIS A 332 6.52 -17.11 -0.05
N PHE A 333 6.41 -18.29 -0.66
CA PHE A 333 7.61 -19.00 -1.11
C PHE A 333 8.03 -18.59 -2.52
N ASN A 334 8.34 -17.30 -2.67
CA ASN A 334 8.50 -16.72 -3.99
C ASN A 334 9.76 -17.16 -4.74
N ASN A 335 10.82 -17.54 -4.02
CA ASN A 335 11.99 -18.11 -4.70
C ASN A 335 11.66 -19.43 -5.43
N GLN A 336 10.67 -20.17 -4.92
CA GLN A 336 10.23 -21.38 -5.58
C GLN A 336 9.06 -21.17 -6.55
N GLU A 337 8.02 -20.46 -6.09
CA GLU A 337 6.81 -20.23 -6.90
C GLU A 337 7.10 -19.42 -8.16
N ALA A 338 7.90 -18.37 -8.00
CA ALA A 338 8.25 -17.49 -9.12
C ALA A 338 9.73 -17.63 -9.40
N ALA A 339 10.18 -18.88 -9.49
CA ALA A 339 11.62 -19.15 -9.52
C ALA A 339 12.37 -18.41 -10.62
N GLU A 340 11.82 -18.43 -11.82
N GLU A 340 11.85 -18.43 -11.83
CA GLU A 340 12.50 -17.81 -12.96
CA GLU A 340 12.58 -17.81 -12.94
C GLU A 340 12.64 -16.30 -12.81
C GLU A 340 12.65 -16.28 -12.84
N ASP A 341 11.54 -15.66 -12.44
CA ASP A 341 11.51 -14.21 -12.20
C ASP A 341 12.50 -13.78 -11.11
N ILE A 342 12.55 -14.57 -10.03
CA ILE A 342 13.50 -14.35 -8.93
C ILE A 342 14.97 -14.51 -9.40
N SER A 343 15.29 -15.56 -10.15
CA SER A 343 16.66 -15.71 -10.67
C SER A 343 17.01 -14.51 -11.55
N ASN A 344 16.04 -14.05 -12.34
CA ASN A 344 16.25 -12.91 -13.20
C ASN A 344 16.47 -11.61 -12.43
N HIS A 345 15.64 -11.39 -11.41
CA HIS A 345 15.75 -10.21 -10.60
C HIS A 345 17.10 -10.16 -9.88
N ILE A 346 17.56 -11.32 -9.42
CA ILE A 346 18.85 -11.39 -8.73
C ILE A 346 19.96 -10.93 -9.67
N TYR A 347 20.02 -11.54 -10.86
CA TYR A 347 21.07 -11.26 -11.85
C TYR A 347 21.04 -9.81 -12.28
N GLU A 348 19.86 -9.28 -12.60
CA GLU A 348 19.72 -7.89 -13.00
C GLU A 348 20.18 -6.91 -11.90
N PHE A 349 20.04 -7.32 -10.64
CA PHE A 349 20.51 -6.46 -9.56
C PHE A 349 22.02 -6.55 -9.42
N ILE A 350 22.54 -7.77 -9.24
CA ILE A 350 23.95 -7.91 -8.89
C ILE A 350 24.91 -7.54 -10.01
N LYS A 351 24.47 -7.68 -11.27
CA LYS A 351 25.33 -7.33 -12.41
C LYS A 351 25.63 -5.83 -12.41
N LYS A 352 24.86 -5.07 -11.64
CA LYS A 352 25.10 -3.65 -11.47
C LYS A 352 26.30 -3.32 -10.58
N PHE A 353 26.88 -4.32 -9.92
CA PHE A 353 27.93 -4.03 -8.94
C PHE A 353 29.29 -4.67 -9.26
N ARG B 32 14.47 9.22 -20.30
CA ARG B 32 14.57 10.15 -19.18
C ARG B 32 15.89 9.96 -18.42
N GLY B 33 16.80 9.16 -18.99
CA GLY B 33 18.16 9.08 -18.49
C GLY B 33 19.03 9.89 -19.42
N SER B 34 20.35 9.71 -19.33
CA SER B 34 21.26 10.34 -20.28
C SER B 34 22.12 9.30 -20.99
N MET B 35 22.78 9.72 -22.07
CA MET B 35 23.70 8.87 -22.83
C MET B 35 24.78 8.25 -21.94
N GLU B 36 25.11 8.97 -20.88
CA GLU B 36 26.20 8.57 -19.98
C GLU B 36 25.84 7.32 -19.18
N GLU B 37 24.55 6.98 -19.14
CA GLU B 37 24.10 5.81 -18.38
C GLU B 37 23.78 4.60 -19.27
N ILE B 38 24.16 4.69 -20.54
CA ILE B 38 24.11 3.54 -21.44
C ILE B 38 25.38 2.71 -21.25
N GLU B 39 25.23 1.40 -21.11
CA GLU B 39 26.37 0.50 -20.95
C GLU B 39 26.89 0.10 -22.32
N HIS B 40 28.21 -0.07 -22.43
CA HIS B 40 28.83 -0.53 -23.65
C HIS B 40 29.72 -1.71 -23.31
N ARG B 41 29.69 -2.73 -24.17
CA ARG B 41 30.49 -3.93 -23.93
C ARG B 41 30.72 -4.62 -25.26
N THR B 42 31.64 -5.58 -25.25
CA THR B 42 31.88 -6.41 -26.43
C THR B 42 31.52 -7.85 -26.07
N VAL B 43 30.98 -8.57 -27.04
CA VAL B 43 30.65 -9.98 -26.86
C VAL B 43 31.00 -10.69 -28.15
N GLU B 44 31.56 -11.90 -28.03
CA GLU B 44 31.90 -12.68 -29.20
C GLU B 44 30.66 -13.42 -29.70
N VAL B 45 30.28 -13.14 -30.93
CA VAL B 45 29.10 -13.78 -31.55
C VAL B 45 29.45 -14.22 -32.96
N ASN B 46 29.07 -15.45 -33.29
CA ASN B 46 29.28 -15.99 -34.64
C ASN B 46 30.69 -15.71 -35.19
N GLY B 47 31.70 -15.88 -34.34
CA GLY B 47 33.08 -15.70 -34.76
C GLY B 47 33.65 -14.29 -34.71
N ILE B 48 32.82 -13.29 -34.43
CA ILE B 48 33.31 -11.90 -34.42
C ILE B 48 33.10 -11.22 -33.08
N LYS B 49 33.82 -10.13 -32.85
CA LYS B 49 33.61 -9.34 -31.64
C LYS B 49 32.64 -8.21 -31.93
N MET B 50 31.50 -8.24 -31.26
CA MET B 50 30.47 -7.25 -31.52
C MET B 50 30.33 -6.32 -30.33
N HIS B 51 30.30 -5.02 -30.63
CA HIS B 51 30.00 -4.02 -29.61
C HIS B 51 28.49 -3.97 -29.36
N VAL B 52 28.11 -4.01 -28.09
CA VAL B 52 26.72 -3.93 -27.68
C VAL B 52 26.57 -2.72 -26.78
N ALA B 53 25.58 -1.88 -27.09
CA ALA B 53 25.15 -0.80 -26.20
C ALA B 53 23.86 -1.26 -25.56
N GLU B 54 23.69 -1.02 -24.25
CA GLU B 54 22.40 -1.32 -23.63
C GLU B 54 22.08 -0.47 -22.41
N LYS B 55 20.78 -0.40 -22.09
CA LYS B 55 20.29 0.30 -20.90
C LYS B 55 18.96 -0.30 -20.48
N GLY B 56 18.72 -0.35 -19.18
CA GLY B 56 17.44 -0.77 -18.62
C GLY B 56 17.40 -2.22 -18.17
N GLU B 57 16.28 -2.63 -17.59
CA GLU B 57 16.07 -4.04 -17.29
C GLU B 57 14.64 -4.47 -17.60
N GLY B 58 14.42 -5.77 -17.70
CA GLY B 58 13.14 -6.28 -18.14
C GLY B 58 13.28 -6.99 -19.47
N PRO B 59 12.16 -7.16 -20.19
CA PRO B 59 12.19 -7.86 -21.48
C PRO B 59 13.09 -7.12 -22.47
N VAL B 60 13.85 -7.86 -23.27
CA VAL B 60 14.77 -7.26 -24.23
C VAL B 60 14.07 -6.65 -25.43
N VAL B 61 14.50 -5.47 -25.82
CA VAL B 61 14.12 -4.88 -27.09
C VAL B 61 15.42 -4.70 -27.86
N LEU B 62 15.57 -5.48 -28.93
CA LEU B 62 16.81 -5.52 -29.70
C LEU B 62 16.69 -4.63 -30.93
N PHE B 63 17.61 -3.67 -31.07
CA PHE B 63 17.59 -2.70 -32.16
C PHE B 63 18.67 -2.97 -33.22
N LEU B 64 18.28 -3.02 -34.49
CA LEU B 64 19.26 -3.23 -35.57
C LEU B 64 19.31 -2.05 -36.53
N HIS B 65 20.45 -1.35 -36.53
CA HIS B 65 20.63 -0.13 -37.34
C HIS B 65 20.87 -0.47 -38.81
N GLY B 66 20.85 0.54 -39.66
CA GLY B 66 21.10 0.37 -41.09
C GLY B 66 22.34 1.12 -41.57
N PHE B 67 22.32 1.52 -42.85
CA PHE B 67 23.45 2.14 -43.51
C PHE B 67 23.14 3.61 -43.76
N PRO B 68 24.11 4.50 -43.50
CA PRO B 68 25.42 4.21 -42.88
C PRO B 68 25.35 4.64 -41.44
N GLU B 69 24.89 3.75 -40.57
CA GLU B 69 24.61 4.15 -39.19
C GLU B 69 25.34 3.32 -38.13
N LEU B 70 24.90 3.43 -36.89
CA LEU B 70 25.54 2.80 -35.75
C LEU B 70 24.49 2.48 -34.71
N TRP B 71 24.91 1.84 -33.61
CA TRP B 71 24.03 1.67 -32.45
C TRP B 71 23.43 3.05 -32.07
N TYR B 72 24.24 4.09 -32.24
CA TYR B 72 23.93 5.47 -31.84
C TYR B 72 22.65 6.00 -32.49
N SER B 73 22.31 5.49 -33.67
CA SER B 73 21.08 5.90 -34.32
C SER B 73 19.85 5.64 -33.47
N TRP B 74 19.96 4.73 -32.51
CA TRP B 74 18.82 4.33 -31.69
C TRP B 74 18.78 5.03 -30.33
N ARG B 75 19.70 5.98 -30.13
CA ARG B 75 19.90 6.63 -28.83
C ARG B 75 18.62 7.03 -28.11
N HIS B 76 17.69 7.64 -28.84
CA HIS B 76 16.46 8.12 -28.24
C HIS B 76 15.56 6.96 -27.83
N GLN B 77 15.53 5.93 -28.67
CA GLN B 77 14.74 4.74 -28.38
C GLN B 77 15.33 3.95 -27.21
N ILE B 78 16.65 3.91 -27.12
CA ILE B 78 17.33 3.25 -26.01
C ILE B 78 16.91 3.89 -24.70
N LEU B 79 17.01 5.22 -24.64
CA LEU B 79 16.66 5.97 -23.44
C LEU B 79 15.17 5.85 -23.12
N ALA B 80 14.34 5.90 -24.16
CA ALA B 80 12.89 5.89 -23.97
C ALA B 80 12.37 4.53 -23.51
N LEU B 81 12.77 3.46 -24.20
CA LEU B 81 12.26 2.14 -23.84
C LEU B 81 12.84 1.66 -22.50
N SER B 82 14.06 2.08 -22.18
CA SER B 82 14.67 1.67 -20.90
C SER B 82 13.90 2.29 -19.75
N SER B 83 13.44 3.53 -19.95
CA SER B 83 12.66 4.21 -18.94
C SER B 83 11.25 3.63 -18.80
N ARG B 84 10.85 2.75 -19.70
CA ARG B 84 9.51 2.15 -19.63
C ARG B 84 9.53 0.69 -19.22
N GLY B 85 10.63 0.28 -18.61
CA GLY B 85 10.71 -1.05 -18.05
C GLY B 85 11.17 -2.11 -19.02
N TYR B 86 11.89 -1.70 -20.07
CA TYR B 86 12.49 -2.66 -21.01
C TYR B 86 14.02 -2.58 -20.99
N ARG B 87 14.66 -3.66 -21.43
CA ARG B 87 16.11 -3.68 -21.56
C ARG B 87 16.45 -3.45 -23.03
N ALA B 88 16.82 -2.23 -23.36
CA ALA B 88 17.19 -1.88 -24.73
C ALA B 88 18.59 -2.40 -25.05
N VAL B 89 18.71 -3.17 -26.12
CA VAL B 89 20.01 -3.69 -26.54
C VAL B 89 20.23 -3.26 -27.99
N ALA B 90 21.35 -2.59 -28.27
CA ALA B 90 21.62 -2.09 -29.63
C ALA B 90 23.07 -2.28 -30.05
N PRO B 91 23.33 -3.29 -30.88
CA PRO B 91 24.71 -3.51 -31.31
C PRO B 91 25.07 -2.62 -32.47
N ASP B 92 26.37 -2.41 -32.66
CA ASP B 92 26.90 -2.05 -33.98
C ASP B 92 26.91 -3.35 -34.77
N LEU B 93 26.42 -3.32 -36.01
CA LEU B 93 26.39 -4.54 -36.82
C LEU B 93 27.77 -4.85 -37.39
N ARG B 94 27.91 -6.08 -37.88
CA ARG B 94 29.13 -6.52 -38.55
C ARG B 94 29.61 -5.44 -39.52
N GLY B 95 30.87 -5.01 -39.39
CA GLY B 95 31.43 -4.01 -40.30
C GLY B 95 31.27 -2.56 -39.88
N TYR B 96 30.62 -2.33 -38.74
CA TYR B 96 30.34 -0.97 -38.30
C TYR B 96 30.91 -0.64 -36.91
N GLY B 97 31.25 0.63 -36.73
CA GLY B 97 31.51 1.17 -35.39
C GLY B 97 32.59 0.45 -34.62
N ASP B 98 32.25 0.00 -33.41
CA ASP B 98 33.20 -0.76 -32.61
C ASP B 98 32.99 -2.28 -32.73
N THR B 99 32.20 -2.70 -33.71
CA THR B 99 32.12 -4.12 -34.04
C THR B 99 33.18 -4.46 -35.10
N GLU B 100 33.70 -5.67 -35.02
CA GLU B 100 34.67 -6.20 -35.98
C GLU B 100 34.21 -6.06 -37.44
N ALA B 101 35.14 -5.67 -38.31
CA ALA B 101 34.86 -5.59 -39.74
C ALA B 101 35.71 -6.58 -40.52
N PRO B 102 35.18 -7.79 -40.77
CA PRO B 102 35.93 -8.77 -41.56
C PRO B 102 36.36 -8.20 -42.92
N GLU B 103 37.51 -8.67 -43.43
CA GLU B 103 38.09 -8.08 -44.63
C GLU B 103 37.46 -8.59 -45.94
N SER B 104 36.94 -9.81 -45.93
CA SER B 104 36.40 -10.39 -47.16
C SER B 104 34.96 -9.99 -47.40
N ILE B 105 34.67 -9.61 -48.65
CA ILE B 105 33.31 -9.32 -49.08
C ILE B 105 32.39 -10.49 -48.74
N SER B 106 32.90 -11.71 -48.88
CA SER B 106 32.07 -12.89 -48.69
C SER B 106 31.63 -13.11 -47.23
N SER B 107 32.19 -12.35 -46.30
CA SER B 107 31.76 -12.46 -44.92
C SER B 107 30.53 -11.60 -44.59
N TYR B 108 29.91 -11.02 -45.62
CA TYR B 108 28.78 -10.11 -45.38
C TYR B 108 27.48 -10.55 -46.06
N THR B 109 27.33 -11.85 -46.31
CA THR B 109 26.08 -12.36 -46.88
C THR B 109 25.00 -12.28 -45.83
N ILE B 110 23.74 -12.34 -46.26
CA ILE B 110 22.62 -12.33 -45.33
C ILE B 110 22.77 -13.45 -44.27
N MET B 111 23.39 -14.56 -44.66
CA MET B 111 23.53 -15.70 -43.75
C MET B 111 24.52 -15.40 -42.62
N HIS B 112 25.56 -14.64 -42.91
CA HIS B 112 26.48 -14.20 -41.85
C HIS B 112 25.83 -13.17 -40.94
N LEU B 113 25.04 -12.25 -41.50
CA LEU B 113 24.46 -11.20 -40.68
C LEU B 113 23.41 -11.77 -39.75
N VAL B 114 22.50 -12.58 -40.28
CA VAL B 114 21.48 -13.21 -39.43
C VAL B 114 22.15 -14.13 -38.38
N GLY B 115 23.19 -14.83 -38.79
CA GLY B 115 23.95 -15.66 -37.86
C GLY B 115 24.47 -14.86 -36.66
N ASP B 116 25.01 -13.68 -36.95
CA ASP B 116 25.47 -12.77 -35.90
C ASP B 116 24.36 -12.50 -34.88
N ILE B 117 23.16 -12.18 -35.35
CA ILE B 117 22.09 -11.74 -34.47
C ILE B 117 21.48 -12.91 -33.70
N VAL B 118 21.37 -14.07 -34.35
CA VAL B 118 20.94 -15.27 -33.63
C VAL B 118 21.88 -15.53 -32.44
N ALA B 119 23.18 -15.41 -32.70
CA ALA B 119 24.19 -15.67 -31.69
C ALA B 119 24.12 -14.61 -30.60
N LEU B 120 23.87 -13.37 -30.99
CA LEU B 120 23.70 -12.29 -30.00
C LEU B 120 22.50 -12.55 -29.11
N ILE B 121 21.37 -12.90 -29.71
CA ILE B 121 20.19 -13.23 -28.94
C ILE B 121 20.49 -14.34 -27.92
N ASP B 122 21.10 -15.43 -28.39
CA ASP B 122 21.41 -16.56 -27.52
C ASP B 122 22.34 -16.18 -26.35
N SER B 123 23.25 -15.25 -26.60
CA SER B 123 24.22 -14.84 -25.57
C SER B 123 23.56 -14.01 -24.47
N LEU B 124 22.38 -13.44 -24.72
CA LEU B 124 21.66 -12.69 -23.68
C LEU B 124 20.97 -13.68 -22.75
N GLY B 125 20.65 -14.87 -23.26
CA GLY B 125 20.05 -15.90 -22.42
C GLY B 125 18.73 -15.54 -21.78
N VAL B 126 17.86 -14.86 -22.54
CA VAL B 126 16.53 -14.51 -22.06
C VAL B 126 15.40 -15.10 -22.91
N GLY B 127 15.77 -15.92 -23.90
CA GLY B 127 14.79 -16.67 -24.69
C GLY B 127 14.30 -16.02 -25.97
N GLN B 128 13.28 -15.18 -25.84
CA GLN B 128 12.73 -14.43 -26.95
C GLN B 128 12.99 -12.96 -26.74
N VAL B 129 13.01 -12.20 -27.83
CA VAL B 129 13.15 -10.74 -27.74
C VAL B 129 12.11 -10.03 -28.62
N PHE B 130 11.89 -8.77 -28.31
CA PHE B 130 11.20 -7.88 -29.23
C PHE B 130 12.26 -7.36 -30.19
N LEU B 131 11.86 -7.11 -31.44
CA LEU B 131 12.82 -6.70 -32.46
C LEU B 131 12.38 -5.39 -33.08
N VAL B 132 13.33 -4.46 -33.23
CA VAL B 132 13.08 -3.19 -33.91
C VAL B 132 14.27 -3.01 -34.83
N ALA B 133 14.01 -2.68 -36.10
CA ALA B 133 15.11 -2.54 -37.03
C ALA B 133 14.80 -1.53 -38.12
N HIS B 134 15.83 -1.07 -38.82
CA HIS B 134 15.68 0.01 -39.78
C HIS B 134 16.66 -0.21 -40.92
N ASP B 135 16.21 0.04 -42.16
CA ASP B 135 17.10 0.01 -43.33
C ASP B 135 17.76 -1.38 -43.53
N TRP B 136 19.08 -1.49 -43.65
CA TRP B 136 19.69 -2.81 -43.83
C TRP B 136 19.43 -3.65 -42.59
N GLY B 137 19.31 -2.99 -41.44
CA GLY B 137 19.00 -3.69 -40.21
C GLY B 137 17.68 -4.39 -40.31
N ALA B 138 16.73 -3.71 -40.94
CA ALA B 138 15.40 -4.27 -41.13
C ALA B 138 15.42 -5.47 -42.06
N ILE B 139 16.31 -5.45 -43.06
CA ILE B 139 16.48 -6.61 -43.95
C ILE B 139 17.04 -7.78 -43.15
N VAL B 140 18.01 -7.49 -42.28
CA VAL B 140 18.52 -8.53 -41.41
C VAL B 140 17.38 -9.04 -40.51
N GLY B 141 16.59 -8.10 -39.97
CA GLY B 141 15.44 -8.46 -39.15
C GLY B 141 14.45 -9.37 -39.86
N TRP B 142 14.17 -9.08 -41.12
CA TRP B 142 13.21 -9.88 -41.88
C TRP B 142 13.67 -11.34 -41.99
N TYR B 143 14.94 -11.53 -42.32
CA TYR B 143 15.45 -12.88 -42.47
C TYR B 143 15.62 -13.58 -41.12
N LEU B 144 15.92 -12.80 -40.08
CA LEU B 144 15.94 -13.34 -38.71
C LEU B 144 14.55 -13.89 -38.40
N CYS B 145 13.52 -13.11 -38.72
CA CYS B 145 12.14 -13.54 -38.51
C CYS B 145 11.77 -14.74 -39.37
N LEU B 146 12.23 -14.77 -40.62
CA LEU B 146 11.98 -15.94 -41.48
C LEU B 146 12.66 -17.19 -40.94
N PHE B 147 13.92 -17.04 -40.55
CA PHE B 147 14.72 -18.21 -40.18
C PHE B 147 14.37 -18.75 -38.79
N ARG B 148 14.32 -17.87 -37.80
CA ARG B 148 14.10 -18.29 -36.42
C ARG B 148 12.97 -17.48 -35.75
N PRO B 149 11.74 -17.62 -36.25
CA PRO B 149 10.64 -16.81 -35.72
C PRO B 149 10.36 -17.07 -34.24
N GLU B 150 10.70 -18.26 -33.76
CA GLU B 150 10.48 -18.59 -32.35
C GLU B 150 11.34 -17.73 -31.42
N LYS B 151 12.31 -16.99 -31.97
CA LYS B 151 13.14 -16.11 -31.14
C LYS B 151 12.58 -14.69 -31.01
N ILE B 152 11.56 -14.38 -31.82
CA ILE B 152 11.05 -13.02 -31.92
C ILE B 152 9.57 -12.97 -31.53
N LYS B 153 9.27 -12.30 -30.42
CA LYS B 153 7.88 -12.16 -29.98
C LYS B 153 7.13 -11.26 -30.94
N ALA B 154 7.79 -10.18 -31.36
CA ALA B 154 7.14 -9.18 -32.19
C ALA B 154 8.22 -8.29 -32.82
N TYR B 155 7.93 -7.74 -33.99
CA TYR B 155 8.89 -7.00 -34.80
C TYR B 155 8.32 -5.64 -35.20
N VAL B 156 8.98 -4.55 -34.79
CA VAL B 156 8.63 -3.24 -35.32
C VAL B 156 9.63 -2.92 -36.41
N CYS B 157 9.14 -2.80 -37.63
CA CYS B 157 10.00 -2.70 -38.80
C CYS B 157 9.94 -1.31 -39.38
N LEU B 158 11.10 -0.66 -39.53
CA LEU B 158 11.15 0.71 -40.05
C LEU B 158 11.67 0.76 -41.46
N SER B 159 10.95 1.49 -42.32
CA SER B 159 11.42 1.87 -43.66
C SER B 159 11.40 0.79 -44.74
N VAL B 160 11.95 -0.40 -44.46
CA VAL B 160 12.06 -1.42 -45.49
C VAL B 160 11.09 -2.59 -45.26
N PRO B 161 10.05 -2.71 -46.09
CA PRO B 161 9.11 -3.81 -45.88
C PRO B 161 9.69 -5.12 -46.37
N PHE B 162 9.00 -6.23 -46.10
CA PHE B 162 9.46 -7.53 -46.56
C PHE B 162 9.62 -7.49 -48.07
N MET B 163 10.68 -8.12 -48.57
CA MET B 163 10.89 -8.13 -50.00
C MET B 163 10.91 -9.57 -50.47
N PRO B 164 9.82 -10.01 -51.11
CA PRO B 164 9.79 -11.42 -51.51
C PRO B 164 10.81 -11.67 -52.62
N ARG B 165 11.45 -12.83 -52.58
CA ARG B 165 12.43 -13.18 -53.59
C ARG B 165 11.77 -13.36 -54.97
N ASN B 166 12.36 -12.71 -55.98
CA ASN B 166 11.95 -12.91 -57.37
C ASN B 166 12.90 -13.89 -58.03
N PRO B 167 12.41 -15.10 -58.34
CA PRO B 167 13.31 -16.14 -58.87
C PRO B 167 13.66 -15.92 -60.36
N LYS B 168 12.94 -15.01 -61.01
CA LYS B 168 13.07 -14.79 -62.46
C LYS B 168 14.25 -13.91 -62.84
N VAL B 169 14.76 -13.14 -61.87
CA VAL B 169 15.84 -12.19 -62.15
C VAL B 169 16.66 -11.90 -60.88
N ARG B 170 17.97 -11.74 -61.06
CA ARG B 170 18.83 -11.26 -59.98
C ARG B 170 18.54 -9.79 -59.64
N PRO B 171 18.62 -9.43 -58.35
CA PRO B 171 18.17 -8.12 -57.81
C PRO B 171 18.92 -6.93 -58.38
N VAL B 172 20.23 -7.04 -58.58
CA VAL B 172 21.00 -5.91 -59.11
C VAL B 172 20.73 -5.75 -60.60
N ASP B 173 20.58 -6.88 -61.31
CA ASP B 173 20.20 -6.85 -62.72
C ASP B 173 18.89 -6.10 -62.88
N ALA B 174 17.89 -6.47 -62.06
CA ALA B 174 16.57 -5.82 -62.08
C ALA B 174 16.68 -4.31 -61.87
N MET B 175 17.51 -3.90 -60.91
CA MET B 175 17.70 -2.48 -60.64
C MET B 175 18.37 -1.74 -61.81
N ARG B 176 19.32 -2.40 -62.46
CA ARG B 176 20.05 -1.79 -63.57
C ARG B 176 19.15 -1.66 -64.81
N ALA B 177 18.14 -2.51 -64.86
CA ALA B 177 17.10 -2.43 -65.86
C ALA B 177 16.26 -1.18 -65.61
N LEU B 178 15.74 -1.06 -64.38
CA LEU B 178 14.87 0.06 -64.03
C LEU B 178 15.56 1.41 -64.07
N TYR B 179 16.70 1.52 -63.39
CA TYR B 179 17.27 2.82 -63.08
C TYR B 179 18.59 3.09 -63.79
N GLY B 180 19.12 2.08 -64.46
CA GLY B 180 20.38 2.23 -65.18
C GLY B 180 21.62 2.20 -64.30
N ASP B 181 22.78 2.40 -64.94
CA ASP B 181 24.08 2.17 -64.32
C ASP B 181 24.44 3.10 -63.16
N ASP B 182 23.69 4.17 -62.98
CA ASP B 182 24.06 5.16 -61.98
C ASP B 182 23.14 5.13 -60.75
N TYR B 183 22.17 4.23 -60.76
CA TYR B 183 21.42 3.90 -59.55
C TYR B 183 22.43 3.51 -58.46
N TYR B 184 22.26 4.04 -57.25
CA TYR B 184 23.32 3.93 -56.25
C TYR B 184 23.76 2.50 -55.98
N ILE B 185 22.81 1.57 -55.95
CA ILE B 185 23.11 0.17 -55.62
C ILE B 185 23.91 -0.50 -56.73
N CYS B 186 23.66 -0.10 -57.97
CA CYS B 186 24.44 -0.61 -59.09
C CYS B 186 25.90 -0.20 -58.95
N ARG B 187 26.12 1.06 -58.66
CA ARG B 187 27.48 1.54 -58.59
C ARG B 187 28.18 1.14 -57.30
N PHE B 188 27.40 0.77 -56.28
CA PHE B 188 27.96 0.18 -55.06
C PHE B 188 28.63 -1.17 -55.33
N GLN B 189 28.30 -1.80 -56.47
CA GLN B 189 28.87 -3.12 -56.81
C GLN B 189 30.35 -3.05 -57.21
N GLU B 190 30.75 -1.96 -57.85
CA GLU B 190 32.11 -1.80 -58.37
C GLU B 190 33.13 -1.56 -57.25
N PRO B 191 34.10 -2.47 -57.11
CA PRO B 191 35.03 -2.36 -55.97
C PRO B 191 35.78 -1.02 -55.96
N GLY B 192 35.88 -0.41 -54.79
CA GLY B 192 36.60 0.85 -54.63
C GLY B 192 35.91 2.13 -55.07
N LYS B 193 34.84 2.02 -55.86
CA LYS B 193 34.21 3.19 -56.47
C LYS B 193 33.42 4.07 -55.47
N ALA B 194 32.49 3.46 -54.74
CA ALA B 194 31.78 4.21 -53.69
C ALA B 194 32.77 4.75 -52.64
N GLU B 195 33.77 3.97 -52.28
CA GLU B 195 34.78 4.42 -51.31
C GLU B 195 35.50 5.71 -51.74
N ALA B 196 35.84 5.79 -53.02
CA ALA B 196 36.50 6.97 -53.58
C ALA B 196 35.58 8.20 -53.59
N LEU B 197 34.36 8.02 -54.11
CA LEU B 197 33.32 9.07 -54.08
C LEU B 197 33.23 9.75 -52.72
N TYR B 198 32.93 8.95 -51.70
CA TYR B 198 32.70 9.45 -50.36
C TYR B 198 33.99 9.86 -49.65
N GLY B 199 35.14 9.48 -50.21
CA GLY B 199 36.43 9.65 -49.54
C GLY B 199 36.93 11.08 -49.44
N SER B 200 37.54 11.41 -48.30
CA SER B 200 38.15 12.73 -48.05
C SER B 200 39.24 12.61 -46.99
N ASN B 201 40.02 13.68 -46.79
CA ASN B 201 41.09 13.67 -45.80
C ASN B 201 40.58 13.62 -44.36
N ASN B 202 39.60 14.46 -44.02
CA ASN B 202 39.01 14.49 -42.68
C ASN B 202 37.58 15.06 -42.65
N ASN B 203 36.78 14.69 -43.65
CA ASN B 203 35.42 15.21 -43.77
C ASN B 203 34.38 14.09 -43.97
N ILE B 204 34.65 12.93 -43.39
CA ILE B 204 33.67 11.84 -43.39
C ILE B 204 32.37 12.25 -42.67
N GLY B 205 32.50 13.01 -41.58
CA GLY B 205 31.34 13.49 -40.84
C GLY B 205 30.43 14.40 -41.64
N GLU B 206 30.96 15.01 -42.69
CA GLU B 206 30.16 15.88 -43.54
C GLU B 206 29.45 15.03 -44.59
N VAL B 207 30.06 13.90 -44.94
CA VAL B 207 29.41 12.92 -45.80
C VAL B 207 28.22 12.29 -45.08
N ILE B 208 28.46 11.84 -43.84
CA ILE B 208 27.42 11.21 -43.03
C ILE B 208 26.27 12.20 -42.83
N LYS B 209 26.60 13.43 -42.44
CA LYS B 209 25.61 14.50 -42.28
C LYS B 209 24.77 14.68 -43.54
N SER B 210 25.42 14.73 -44.69
CA SER B 210 24.73 14.87 -45.98
C SER B 210 23.76 13.72 -46.26
N ILE B 211 24.18 12.50 -45.96
CA ILE B 211 23.31 11.33 -46.15
C ILE B 211 22.12 11.33 -45.18
N LEU B 212 22.40 11.55 -43.90
CA LEU B 212 21.35 11.57 -42.87
C LEU B 212 20.28 12.65 -43.11
N THR B 213 20.69 13.82 -43.60
CA THR B 213 19.78 14.95 -43.78
C THR B 213 19.11 15.00 -45.15
N ASN B 214 19.50 14.10 -46.06
CA ASN B 214 18.87 14.03 -47.39
C ASN B 214 17.36 13.87 -47.28
N ARG B 215 16.62 14.52 -48.17
CA ARG B 215 15.15 14.47 -48.11
C ARG B 215 14.53 14.32 -49.49
N ARG B 216 15.38 14.29 -50.51
CA ARG B 216 14.90 14.07 -51.87
C ARG B 216 14.26 12.69 -51.99
N PRO B 217 13.00 12.63 -52.46
CA PRO B 217 12.44 11.31 -52.73
C PRO B 217 12.88 10.89 -54.13
N GLY B 218 12.50 9.69 -54.57
CA GLY B 218 12.92 9.23 -55.88
C GLY B 218 14.25 8.51 -55.83
N PRO B 219 14.44 7.53 -56.73
CA PRO B 219 15.66 6.73 -56.87
C PRO B 219 16.93 7.56 -56.77
N PRO B 220 17.81 7.23 -55.82
CA PRO B 220 19.08 7.94 -55.68
C PRO B 220 20.02 7.59 -56.83
N ILE B 221 20.34 8.57 -57.65
CA ILE B 221 21.25 8.35 -58.76
C ILE B 221 22.55 9.10 -58.51
N LEU B 222 23.66 8.37 -58.56
CA LEU B 222 24.96 8.95 -58.28
C LEU B 222 25.52 9.73 -59.48
N PRO B 223 26.24 10.82 -59.19
CA PRO B 223 26.99 11.60 -60.18
C PRO B 223 28.12 10.77 -60.79
N LYS B 224 28.44 11.02 -62.06
CA LYS B 224 29.60 10.38 -62.67
C LYS B 224 30.91 10.95 -62.10
N GLU B 225 31.92 10.09 -62.04
CA GLU B 225 33.25 10.42 -61.53
C GLU B 225 33.80 11.67 -62.20
N GLY B 226 33.39 11.91 -63.44
CA GLY B 226 33.89 13.02 -64.23
C GLY B 226 33.62 14.40 -63.64
N VAL B 227 32.65 14.50 -62.73
CA VAL B 227 32.27 15.81 -62.20
C VAL B 227 31.77 15.79 -60.74
N ALA B 228 32.03 14.69 -60.04
CA ALA B 228 31.71 14.59 -58.61
C ALA B 228 32.37 15.71 -57.81
N LEU B 229 31.61 16.31 -56.89
CA LEU B 229 32.19 17.23 -55.91
C LEU B 229 32.95 16.38 -54.89
N PRO B 230 34.24 16.70 -54.66
CA PRO B 230 35.02 15.98 -53.65
C PRO B 230 34.41 16.11 -52.27
N SER B 231 34.36 15.02 -51.50
CA SER B 231 33.68 15.02 -50.20
C SER B 231 34.36 15.90 -49.16
N GLY B 232 35.62 16.23 -49.38
CA GLY B 232 36.30 17.22 -48.56
C GLY B 232 35.82 18.64 -48.81
N SER B 233 35.08 18.82 -49.91
CA SER B 233 34.62 20.14 -50.35
C SER B 233 33.10 20.36 -50.19
N LEU B 234 32.44 19.43 -49.52
CA LEU B 234 30.98 19.53 -49.29
C LEU B 234 30.57 20.80 -48.50
N PRO B 235 29.55 21.51 -49.00
CA PRO B 235 29.08 22.77 -48.41
C PRO B 235 28.44 22.63 -47.01
N SER B 236 27.50 21.71 -46.84
CA SER B 236 26.83 21.46 -45.55
C SER B 236 25.76 22.49 -45.15
N ARG B 237 24.53 22.27 -45.60
CA ARG B 237 23.42 23.15 -45.21
C ARG B 237 23.14 23.01 -43.70
N PRO B 238 22.32 23.92 -43.13
CA PRO B 238 22.08 23.83 -41.68
C PRO B 238 21.47 22.49 -41.22
N LEU B 239 21.81 22.08 -40.01
CA LEU B 239 21.28 20.84 -39.43
C LEU B 239 19.80 20.96 -39.15
N PRO B 240 19.02 19.88 -39.41
CA PRO B 240 17.63 19.99 -38.96
C PRO B 240 17.59 19.88 -37.44
N SER B 241 16.42 20.08 -36.86
CA SER B 241 16.31 20.13 -35.40
C SER B 241 16.54 18.78 -34.73
N TRP B 242 16.54 17.69 -35.51
CA TRP B 242 16.67 16.35 -34.94
C TRP B 242 18.10 15.83 -34.90
N LEU B 243 19.00 16.53 -35.58
CA LEU B 243 20.41 16.14 -35.64
C LEU B 243 21.30 17.27 -35.15
N SER B 244 22.00 17.04 -34.03
CA SER B 244 22.91 18.04 -33.43
C SER B 244 24.32 17.91 -33.99
N GLU B 245 25.17 18.86 -33.62
CA GLU B 245 26.59 18.81 -33.97
C GLU B 245 27.25 17.64 -33.29
N GLU B 246 26.85 17.38 -32.05
CA GLU B 246 27.43 16.32 -31.23
C GLU B 246 27.15 14.96 -31.88
N ASP B 247 25.97 14.82 -32.49
CA ASP B 247 25.61 13.59 -33.22
C ASP B 247 26.53 13.36 -34.42
N VAL B 248 26.65 14.38 -35.26
CA VAL B 248 27.49 14.29 -36.46
C VAL B 248 28.93 13.98 -36.05
N THR B 249 29.37 14.62 -34.97
CA THR B 249 30.70 14.35 -34.38
C THR B 249 30.85 12.87 -34.00
N TYR B 250 29.85 12.32 -33.33
CA TYR B 250 29.92 10.91 -32.93
C TYR B 250 30.03 10.00 -34.14
N TYR B 251 29.15 10.17 -35.12
CA TYR B 251 29.19 9.35 -36.32
C TYR B 251 30.57 9.43 -36.98
N ALA B 252 31.12 10.64 -37.07
CA ALA B 252 32.44 10.86 -37.67
C ALA B 252 33.54 10.16 -36.88
N SER B 253 33.45 10.23 -35.56
CA SER B 253 34.41 9.56 -34.68
C SER B 253 34.55 8.07 -35.02
N LYS B 254 33.47 7.45 -35.50
CA LYS B 254 33.50 6.04 -35.84
C LYS B 254 33.88 5.78 -37.30
N PHE B 255 33.21 6.47 -38.22
CA PHE B 255 33.39 6.23 -39.64
C PHE B 255 34.75 6.69 -40.19
N SER B 256 35.41 7.60 -39.49
CA SER B 256 36.78 7.97 -39.87
C SER B 256 37.76 6.83 -39.56
N LYS B 257 37.37 5.94 -38.66
CA LYS B 257 38.19 4.78 -38.29
C LYS B 257 37.88 3.55 -39.13
N THR B 258 36.60 3.34 -39.45
CA THR B 258 36.18 2.12 -40.16
C THR B 258 36.08 2.30 -41.67
N GLY B 259 35.82 3.53 -42.12
CA GLY B 259 35.46 3.73 -43.52
C GLY B 259 34.09 3.13 -43.79
N LEU B 260 33.66 3.17 -45.04
CA LEU B 260 32.32 2.73 -45.38
C LEU B 260 32.27 1.31 -45.94
N THR B 261 33.43 0.69 -46.10
CA THR B 261 33.52 -0.59 -46.81
C THR B 261 32.68 -1.71 -46.19
N GLY B 262 32.70 -1.79 -44.86
CA GLY B 262 31.92 -2.80 -44.16
C GLY B 262 30.44 -2.70 -44.51
N GLY B 263 29.89 -1.49 -44.41
CA GLY B 263 28.50 -1.28 -44.73
C GLY B 263 28.20 -1.49 -46.20
N LEU B 264 29.09 -1.03 -47.07
CA LEU B 264 28.92 -1.22 -48.51
C LEU B 264 28.92 -2.69 -48.89
N ASN B 265 29.66 -3.52 -48.14
CA ASN B 265 29.73 -4.94 -48.47
C ASN B 265 28.38 -5.65 -48.32
N TYR B 266 27.45 -5.08 -47.56
CA TYR B 266 26.08 -5.64 -47.52
C TYR B 266 25.48 -5.57 -48.93
N TYR B 267 25.66 -4.44 -49.61
CA TYR B 267 25.07 -4.26 -50.92
C TYR B 267 25.76 -5.16 -51.94
N ARG B 268 27.05 -5.38 -51.73
CA ARG B 268 27.87 -6.16 -52.64
C ARG B 268 27.54 -7.64 -52.59
N ASN B 269 26.68 -8.03 -51.64
CA ASN B 269 26.24 -9.42 -51.55
C ASN B 269 24.79 -9.63 -51.99
N LEU B 270 24.13 -8.58 -52.49
CA LEU B 270 22.74 -8.73 -52.95
C LEU B 270 22.56 -9.89 -53.92
N ASN B 271 23.44 -10.00 -54.90
CA ASN B 271 23.30 -11.07 -55.88
C ASN B 271 23.54 -12.48 -55.29
N LEU B 272 24.54 -12.60 -54.42
CA LEU B 272 24.82 -13.87 -53.76
C LEU B 272 23.70 -14.22 -52.77
N ASN B 273 23.20 -13.22 -52.04
CA ASN B 273 22.07 -13.40 -51.12
C ASN B 273 20.91 -14.03 -51.87
N TRP B 274 20.68 -13.53 -53.08
CA TRP B 274 19.59 -14.04 -53.91
C TRP B 274 19.79 -15.52 -54.23
N GLU B 275 21.01 -15.93 -54.54
CA GLU B 275 21.28 -17.37 -54.71
C GLU B 275 21.09 -18.16 -53.42
N LEU B 276 21.62 -17.63 -52.32
CA LEU B 276 21.58 -18.38 -51.07
C LEU B 276 20.16 -18.50 -50.49
N THR B 277 19.25 -17.62 -50.87
CA THR B 277 17.91 -17.64 -50.28
C THR B 277 16.84 -18.29 -51.17
N ALA B 278 17.28 -19.09 -52.13
CA ALA B 278 16.36 -19.77 -53.04
C ALA B 278 15.32 -20.61 -52.32
N ALA B 279 15.68 -21.16 -51.16
CA ALA B 279 14.76 -21.99 -50.37
C ALA B 279 13.55 -21.21 -49.84
N TRP B 280 13.64 -19.88 -49.79
CA TRP B 280 12.55 -19.07 -49.25
C TRP B 280 11.73 -18.36 -50.31
N THR B 281 11.82 -18.83 -51.56
CA THR B 281 10.90 -18.35 -52.61
C THR B 281 9.47 -18.65 -52.18
N GLY B 282 8.67 -17.60 -52.01
CA GLY B 282 7.27 -17.75 -51.63
C GLY B 282 7.05 -18.04 -50.16
N ALA B 283 8.09 -17.87 -49.36
CA ALA B 283 7.97 -18.14 -47.92
C ALA B 283 7.20 -17.01 -47.24
N LYS B 284 6.64 -17.32 -46.09
CA LYS B 284 5.88 -16.35 -45.31
C LYS B 284 6.50 -16.12 -43.94
N VAL B 285 6.45 -14.87 -43.49
CA VAL B 285 6.95 -14.50 -42.17
C VAL B 285 5.87 -14.76 -41.11
N LYS B 286 6.22 -15.44 -40.03
CA LYS B 286 5.21 -15.79 -39.03
C LYS B 286 5.25 -14.95 -37.74
N VAL B 287 6.03 -13.87 -37.75
CA VAL B 287 6.16 -13.01 -36.58
C VAL B 287 5.17 -11.85 -36.70
N PRO B 288 4.51 -11.46 -35.60
CA PRO B 288 3.68 -10.26 -35.61
C PRO B 288 4.53 -9.00 -35.90
N VAL B 289 4.04 -8.15 -36.79
CA VAL B 289 4.82 -7.03 -37.30
C VAL B 289 4.06 -5.71 -37.30
N LYS B 290 4.70 -4.64 -36.84
CA LYS B 290 4.25 -3.28 -37.07
C LYS B 290 5.23 -2.60 -38.01
N PHE B 291 4.76 -2.19 -39.19
CA PHE B 291 5.63 -1.55 -40.17
C PHE B 291 5.43 -0.04 -40.17
N ILE B 292 6.52 0.71 -40.14
CA ILE B 292 6.42 2.18 -40.06
C ILE B 292 7.37 2.84 -41.05
N THR B 293 6.83 3.69 -41.94
CA THR B 293 7.68 4.44 -42.85
C THR B 293 7.32 5.94 -42.88
N GLY B 294 8.29 6.79 -43.20
CA GLY B 294 7.96 8.18 -43.50
C GLY B 294 7.45 8.18 -44.94
N ASP B 295 6.57 9.11 -45.29
CA ASP B 295 6.04 9.10 -46.66
C ASP B 295 7.03 9.64 -47.69
N LEU B 296 8.11 10.25 -47.23
CA LEU B 296 9.13 10.77 -48.15
C LEU B 296 10.31 9.82 -48.28
N ASP B 297 10.19 8.66 -47.63
CA ASP B 297 11.25 7.66 -47.66
C ASP B 297 11.42 7.18 -49.11
N VAL B 298 12.67 7.19 -49.59
CA VAL B 298 13.02 6.73 -50.93
C VAL B 298 12.47 5.33 -51.22
N VAL B 299 12.53 4.47 -50.21
CA VAL B 299 11.96 3.13 -50.34
C VAL B 299 10.45 3.19 -50.58
N TYR B 300 9.72 3.88 -49.70
CA TYR B 300 8.28 3.94 -49.80
C TYR B 300 7.80 4.47 -51.15
N THR B 301 8.56 5.40 -51.72
CA THR B 301 8.17 6.04 -52.97
C THR B 301 8.76 5.36 -54.21
N SER B 302 9.66 4.39 -53.98
CA SER B 302 10.21 3.58 -55.07
C SER B 302 9.15 2.75 -55.79
N LEU B 303 9.40 2.46 -57.07
CA LEU B 303 8.46 1.71 -57.90
C LEU B 303 7.93 0.42 -57.25
N GLY B 304 6.61 0.28 -57.19
CA GLY B 304 6.02 -0.95 -56.72
C GLY B 304 5.85 -1.14 -55.21
N ILE B 305 6.63 -0.43 -54.40
CA ILE B 305 6.55 -0.63 -52.94
C ILE B 305 5.17 -0.26 -52.37
N LYS B 306 4.66 0.90 -52.73
CA LYS B 306 3.36 1.30 -52.23
C LYS B 306 2.25 0.35 -52.73
N ASP B 307 2.39 -0.14 -53.97
CA ASP B 307 1.45 -1.12 -54.52
C ASP B 307 1.56 -2.44 -53.75
N TYR B 308 2.78 -2.87 -53.49
CA TYR B 308 3.02 -4.07 -52.67
C TYR B 308 2.24 -3.99 -51.36
N ILE B 309 2.28 -2.84 -50.72
CA ILE B 309 1.53 -2.63 -49.48
C ILE B 309 0.01 -2.58 -49.72
N ASP B 310 -0.42 -1.71 -50.62
CA ASP B 310 -1.85 -1.49 -50.83
C ASP B 310 -2.59 -2.69 -51.46
N SER B 311 -1.91 -3.46 -52.30
CA SER B 311 -2.52 -4.64 -52.93
C SER B 311 -2.86 -5.73 -51.93
N GLY B 312 -2.25 -5.67 -50.74
CA GLY B 312 -2.42 -6.71 -49.74
C GLY B 312 -1.36 -7.80 -49.87
N ALA B 313 -0.42 -7.60 -50.80
CA ALA B 313 0.67 -8.56 -50.98
C ALA B 313 1.60 -8.62 -49.77
N PHE B 314 1.87 -7.46 -49.17
CA PHE B 314 2.69 -7.38 -47.96
C PHE B 314 2.04 -8.23 -46.87
N LYS B 315 0.74 -8.01 -46.64
CA LYS B 315 -0.01 -8.79 -45.66
C LYS B 315 -0.03 -10.30 -45.99
N ARG B 316 0.01 -10.64 -47.27
CA ARG B 316 -0.01 -12.04 -47.68
C ARG B 316 1.30 -12.72 -47.30
N ASP B 317 2.41 -12.01 -47.51
CA ASP B 317 3.74 -12.53 -47.16
C ASP B 317 4.00 -12.49 -45.67
N VAL B 318 3.31 -11.59 -44.99
CA VAL B 318 3.53 -11.33 -43.57
C VAL B 318 2.16 -11.43 -42.87
N PRO B 319 1.63 -12.66 -42.74
CA PRO B 319 0.25 -12.86 -42.28
C PRO B 319 -0.11 -12.20 -40.95
N TYR B 320 0.87 -11.93 -40.08
CA TYR B 320 0.61 -11.25 -38.81
C TYR B 320 1.02 -9.78 -38.83
N LEU B 321 1.15 -9.21 -40.02
CA LEU B 321 1.31 -7.75 -40.17
C LEU B 321 0.07 -7.09 -39.57
N GLU B 322 0.26 -6.35 -38.49
CA GLU B 322 -0.92 -5.87 -37.79
C GLU B 322 -1.32 -4.47 -38.22
N GLU B 323 -0.36 -3.67 -38.64
CA GLU B 323 -0.67 -2.31 -39.06
C GLU B 323 0.49 -1.73 -39.85
N VAL B 324 0.11 -0.78 -40.71
CA VAL B 324 1.06 -0.02 -41.50
C VAL B 324 0.87 1.44 -41.16
N VAL B 325 1.93 2.07 -40.66
CA VAL B 325 1.88 3.45 -40.23
C VAL B 325 2.71 4.28 -41.19
N VAL B 326 2.08 5.25 -41.87
CA VAL B 326 2.80 6.17 -42.74
C VAL B 326 2.90 7.54 -42.06
N GLN B 327 4.13 7.96 -41.77
CA GLN B 327 4.35 9.21 -41.04
C GLN B 327 4.49 10.36 -42.04
N GLU B 328 3.50 11.26 -42.05
CA GLU B 328 3.48 12.34 -43.04
C GLU B 328 4.60 13.34 -42.79
N GLY B 329 5.25 13.76 -43.87
CA GLY B 329 6.33 14.72 -43.78
C GLY B 329 7.66 14.19 -43.27
N VAL B 330 7.77 12.87 -43.12
CA VAL B 330 9.00 12.26 -42.60
C VAL B 330 9.77 11.48 -43.69
N ALA B 331 11.09 11.60 -43.70
CA ALA B 331 11.93 10.94 -44.71
C ALA B 331 12.47 9.58 -44.24
N HIS B 332 13.62 9.19 -44.78
CA HIS B 332 14.12 7.82 -44.62
C HIS B 332 14.47 7.46 -43.17
N PHE B 333 15.08 8.40 -42.46
CA PHE B 333 15.68 8.10 -41.16
C PHE B 333 14.69 8.39 -40.05
N ASN B 334 13.54 7.72 -40.11
CA ASN B 334 12.41 8.07 -39.25
C ASN B 334 12.64 7.82 -37.76
N ASN B 335 13.54 6.89 -37.43
CA ASN B 335 13.87 6.66 -36.02
C ASN B 335 14.56 7.86 -35.35
N GLN B 336 15.30 8.66 -36.13
CA GLN B 336 15.91 9.88 -35.61
C GLN B 336 15.03 11.11 -35.85
N GLU B 337 14.50 11.23 -37.06
CA GLU B 337 13.72 12.41 -37.44
C GLU B 337 12.42 12.47 -36.64
N ALA B 338 11.75 11.33 -36.48
CA ALA B 338 10.52 11.27 -35.68
C ALA B 338 10.69 10.41 -34.44
N ALA B 339 11.79 10.65 -33.71
CA ALA B 339 12.23 9.79 -32.60
C ALA B 339 11.16 9.52 -31.54
N GLU B 340 10.60 10.58 -30.97
CA GLU B 340 9.57 10.45 -29.94
C GLU B 340 8.37 9.61 -30.44
N ASP B 341 7.93 9.87 -31.67
CA ASP B 341 6.82 9.13 -32.25
C ASP B 341 7.18 7.66 -32.49
N ILE B 342 8.40 7.42 -32.97
CA ILE B 342 8.89 6.05 -33.12
C ILE B 342 8.97 5.34 -31.76
N SER B 343 9.54 6.00 -30.76
CA SER B 343 9.59 5.44 -29.40
C SER B 343 8.20 5.05 -28.85
N ASN B 344 7.21 5.89 -29.08
CA ASN B 344 5.86 5.57 -28.61
C ASN B 344 5.21 4.43 -29.38
N HIS B 345 5.34 4.44 -30.70
CA HIS B 345 4.84 3.35 -31.54
C HIS B 345 5.38 1.99 -31.14
N ILE B 346 6.68 1.94 -30.81
CA ILE B 346 7.32 0.71 -30.37
C ILE B 346 6.69 0.24 -29.06
N TYR B 347 6.68 1.14 -28.07
CA TYR B 347 6.02 0.83 -26.81
C TYR B 347 4.57 0.38 -26.98
N GLU B 348 3.76 1.15 -27.71
CA GLU B 348 2.35 0.79 -27.88
C GLU B 348 2.16 -0.60 -28.48
N PHE B 349 3.06 -0.99 -29.38
CA PHE B 349 3.00 -2.32 -29.99
C PHE B 349 3.48 -3.46 -29.08
N ILE B 350 4.69 -3.35 -28.53
CA ILE B 350 5.25 -4.48 -27.80
C ILE B 350 4.54 -4.76 -26.46
N LYS B 351 3.86 -3.74 -25.91
CA LYS B 351 3.20 -3.91 -24.61
C LYS B 351 2.04 -4.89 -24.69
N LYS B 352 1.63 -5.24 -25.91
CA LYS B 352 0.56 -6.20 -26.14
C LYS B 352 1.07 -7.64 -26.25
N PHE B 353 2.37 -7.84 -26.14
CA PHE B 353 2.95 -9.17 -26.30
C PHE B 353 3.82 -9.60 -25.09
N GLY C 33 -2.24 48.39 18.02
CA GLY C 33 -2.88 49.63 18.40
C GLY C 33 -4.06 49.41 19.33
N SER C 34 -3.80 48.70 20.43
CA SER C 34 -4.80 48.34 21.46
C SER C 34 -5.75 47.18 21.10
N MET C 35 -5.70 46.14 21.93
CA MET C 35 -6.55 44.97 21.79
C MET C 35 -8.05 45.30 21.86
N GLU C 36 -8.40 46.27 22.70
CA GLU C 36 -9.80 46.64 22.92
C GLU C 36 -10.47 47.25 21.70
N GLU C 37 -9.67 47.82 20.79
CA GLU C 37 -10.20 48.37 19.53
C GLU C 37 -10.57 47.28 18.49
N ILE C 38 -10.28 46.01 18.81
CA ILE C 38 -10.59 44.89 17.92
C ILE C 38 -12.05 44.47 18.05
N GLU C 39 -12.76 44.47 16.93
CA GLU C 39 -14.19 44.15 16.95
C GLU C 39 -14.45 42.64 17.03
N HIS C 40 -15.47 42.27 17.81
CA HIS C 40 -15.86 40.87 17.92
C HIS C 40 -17.32 40.69 17.55
N ARG C 41 -17.61 39.59 16.87
CA ARG C 41 -18.97 39.27 16.44
C ARG C 41 -19.14 37.77 16.15
N THR C 42 -20.38 37.37 15.92
CA THR C 42 -20.71 36.00 15.57
C THR C 42 -21.43 36.01 14.23
N VAL C 43 -21.02 35.13 13.32
CA VAL C 43 -21.62 35.03 12.00
C VAL C 43 -22.00 33.57 11.75
N GLU C 44 -23.16 33.34 11.14
CA GLU C 44 -23.54 31.97 10.80
C GLU C 44 -22.87 31.58 9.48
N VAL C 45 -22.00 30.58 9.52
CA VAL C 45 -21.30 30.11 8.33
C VAL C 45 -21.38 28.59 8.24
N ASN C 46 -21.78 28.09 7.07
CA ASN C 46 -21.85 26.65 6.81
C ASN C 46 -22.55 25.87 7.92
N GLY C 47 -23.64 26.43 8.43
CA GLY C 47 -24.43 25.76 9.45
C GLY C 47 -23.95 25.84 10.90
N ILE C 48 -22.87 26.59 11.17
CA ILE C 48 -22.38 26.76 12.54
C ILE C 48 -22.25 28.24 12.92
N LYS C 49 -22.20 28.53 14.21
CA LYS C 49 -22.01 29.92 14.63
C LYS C 49 -20.52 30.13 14.88
N MET C 50 -19.94 31.11 14.18
CA MET C 50 -18.49 31.33 14.18
C MET C 50 -18.15 32.68 14.79
N HIS C 51 -17.29 32.67 15.81
CA HIS C 51 -16.83 33.90 16.41
C HIS C 51 -15.73 34.51 15.54
N VAL C 52 -15.90 35.77 15.16
CA VAL C 52 -14.97 36.44 14.26
C VAL C 52 -14.38 37.69 14.90
N ALA C 53 -13.06 37.80 14.90
CA ALA C 53 -12.39 39.00 15.41
C ALA C 53 -11.85 39.78 14.24
N GLU C 54 -12.03 41.10 14.23
CA GLU C 54 -11.55 41.87 13.08
C GLU C 54 -11.16 43.31 13.41
N LYS C 55 -10.23 43.86 12.63
CA LYS C 55 -9.84 45.26 12.79
C LYS C 55 -9.45 45.88 11.46
N GLY C 56 -9.72 47.18 11.32
CA GLY C 56 -9.30 47.92 10.15
C GLY C 56 -10.29 47.93 9.02
N GLU C 57 -9.97 48.70 7.98
CA GLU C 57 -10.76 48.79 6.77
C GLU C 57 -9.81 48.62 5.60
N GLY C 58 -10.33 48.22 4.44
CA GLY C 58 -9.48 47.95 3.28
C GLY C 58 -9.57 46.50 2.83
N PRO C 59 -8.60 46.05 2.02
CA PRO C 59 -8.58 44.67 1.52
C PRO C 59 -8.49 43.67 2.67
N VAL C 60 -9.30 42.61 2.62
CA VAL C 60 -9.29 41.61 3.68
C VAL C 60 -8.01 40.76 3.72
N VAL C 61 -7.42 40.68 4.92
CA VAL C 61 -6.39 39.68 5.22
C VAL C 61 -7.00 38.71 6.22
N LEU C 62 -7.31 37.49 5.75
CA LEU C 62 -7.97 36.49 6.59
C LEU C 62 -6.94 35.54 7.23
N PHE C 63 -7.02 35.38 8.55
CA PHE C 63 -6.05 34.60 9.30
C PHE C 63 -6.68 33.32 9.83
N LEU C 64 -6.02 32.17 9.62
CA LEU C 64 -6.54 30.91 10.16
C LEU C 64 -5.52 30.26 11.09
N HIS C 65 -5.87 30.17 12.38
CA HIS C 65 -5.01 29.59 13.42
C HIS C 65 -5.01 28.07 13.39
N GLY C 66 -4.15 27.47 14.20
CA GLY C 66 -4.05 26.03 14.27
C GLY C 66 -4.33 25.46 15.64
N PHE C 67 -3.65 24.35 15.95
CA PHE C 67 -3.83 23.62 17.20
C PHE C 67 -2.64 23.86 18.10
N PRO C 68 -2.90 24.14 19.39
CA PRO C 68 -4.21 24.35 19.99
C PRO C 68 -4.38 25.85 20.21
N GLU C 69 -4.76 26.56 19.15
CA GLU C 69 -4.76 28.01 19.18
C GLU C 69 -6.16 28.63 19.03
N LEU C 70 -6.19 29.94 18.85
CA LEU C 70 -7.43 30.71 18.78
C LEU C 70 -7.19 31.87 17.83
N TRP C 71 -8.25 32.64 17.54
CA TRP C 71 -8.11 33.92 16.85
C TRP C 71 -7.00 34.72 17.51
N TYR C 72 -6.89 34.59 18.83
CA TYR C 72 -5.97 35.36 19.67
C TYR C 72 -4.52 35.21 19.25
N SER C 73 -4.18 34.08 18.63
CA SER C 73 -2.80 33.83 18.22
C SER C 73 -2.30 34.82 17.16
N TRP C 74 -3.23 35.49 16.49
CA TRP C 74 -2.89 36.46 15.46
C TRP C 74 -2.93 37.91 15.99
N ARG C 75 -3.05 38.07 17.30
CA ARG C 75 -3.23 39.41 17.91
C ARG C 75 -2.30 40.48 17.35
N HIS C 76 -1.01 40.16 17.25
CA HIS C 76 -0.02 41.12 16.78
C HIS C 76 -0.15 41.43 15.30
N GLN C 77 -0.46 40.41 14.49
CA GLN C 77 -0.64 40.64 13.06
C GLN C 77 -1.92 41.43 12.78
N ILE C 78 -2.96 41.18 13.57
CA ILE C 78 -4.21 41.91 13.43
C ILE C 78 -4.00 43.42 13.61
N LEU C 79 -3.27 43.79 14.66
CA LEU C 79 -3.01 45.18 14.96
C LEU C 79 -2.11 45.78 13.90
N ALA C 80 -1.05 45.05 13.55
CA ALA C 80 -0.07 45.51 12.56
C ALA C 80 -0.68 45.74 11.16
N LEU C 81 -1.48 44.78 10.71
CA LEU C 81 -2.01 44.86 9.35
C LEU C 81 -3.15 45.86 9.25
N SER C 82 -3.96 45.98 10.31
CA SER C 82 -4.99 47.02 10.34
C SER C 82 -4.34 48.42 10.32
N SER C 83 -3.16 48.52 10.95
CA SER C 83 -2.43 49.80 11.03
C SER C 83 -1.81 50.18 9.69
N ARG C 84 -1.89 49.27 8.72
CA ARG C 84 -1.29 49.50 7.42
C ARG C 84 -2.34 49.62 6.33
N GLY C 85 -3.60 49.72 6.75
CA GLY C 85 -4.67 49.94 5.79
C GLY C 85 -5.33 48.69 5.23
N TYR C 86 -5.19 47.58 5.93
CA TYR C 86 -5.89 46.36 5.54
C TYR C 86 -6.95 46.02 6.57
N ARG C 87 -7.96 45.27 6.14
CA ARG C 87 -8.99 44.78 7.05
C ARG C 87 -8.62 43.37 7.50
N ALA C 88 -8.07 43.27 8.71
CA ALA C 88 -7.64 41.98 9.24
C ALA C 88 -8.82 41.25 9.88
N VAL C 89 -9.03 39.99 9.48
CA VAL C 89 -10.15 39.19 9.99
C VAL C 89 -9.61 37.85 10.47
N ALA C 90 -9.97 37.45 11.69
CA ALA C 90 -9.45 36.23 12.29
C ALA C 90 -10.50 35.56 13.14
N PRO C 91 -11.06 34.44 12.64
CA PRO C 91 -12.07 33.67 13.36
C PRO C 91 -11.47 32.70 14.36
N ASP C 92 -12.28 32.22 15.28
CA ASP C 92 -11.98 30.95 15.93
C ASP C 92 -12.50 29.91 14.97
N LEU C 93 -11.68 28.93 14.61
CA LEU C 93 -12.11 27.86 13.72
C LEU C 93 -13.11 26.93 14.43
N ARG C 94 -13.79 26.12 13.63
CA ARG C 94 -14.77 25.16 14.13
C ARG C 94 -14.18 24.34 15.28
N GLY C 95 -14.88 24.30 16.42
CA GLY C 95 -14.42 23.53 17.57
C GLY C 95 -13.59 24.30 18.59
N TYR C 96 -13.34 25.58 18.30
CA TYR C 96 -12.39 26.37 19.08
C TYR C 96 -12.97 27.65 19.67
N GLY C 97 -12.48 28.02 20.84
CA GLY C 97 -12.77 29.33 21.41
C GLY C 97 -14.25 29.61 21.54
N ASP C 98 -14.70 30.70 20.91
CA ASP C 98 -16.09 31.11 21.00
C ASP C 98 -16.90 30.70 19.77
N THR C 99 -16.31 29.84 18.94
CA THR C 99 -17.01 29.32 17.77
C THR C 99 -17.70 28.00 18.17
N GLU C 100 -18.84 27.70 17.56
CA GLU C 100 -19.55 26.46 17.85
C GLU C 100 -18.65 25.22 17.71
N ALA C 101 -18.83 24.22 18.56
CA ALA C 101 -18.06 23.00 18.45
C ALA C 101 -19.00 21.83 18.27
N PRO C 102 -19.30 21.46 17.02
CA PRO C 102 -20.20 20.32 16.85
C PRO C 102 -19.68 19.09 17.56
N GLU C 103 -20.59 18.22 17.97
CA GLU C 103 -20.24 17.11 18.83
C GLU C 103 -19.76 15.88 18.06
N SER C 104 -20.25 15.70 16.84
CA SER C 104 -19.89 14.52 16.07
C SER C 104 -18.48 14.65 15.48
N ILE C 105 -17.62 13.66 15.74
CA ILE C 105 -16.28 13.63 15.18
C ILE C 105 -16.28 13.87 13.68
N SER C 106 -17.23 13.24 13.00
CA SER C 106 -17.29 13.30 11.53
C SER C 106 -17.68 14.68 10.99
N SER C 107 -17.88 15.66 11.87
CA SER C 107 -18.18 17.02 11.42
C SER C 107 -16.92 17.85 11.30
N TYR C 108 -15.76 17.18 11.37
CA TYR C 108 -14.47 17.89 11.34
C TYR C 108 -13.55 17.44 10.19
N THR C 109 -14.13 16.86 9.14
CA THR C 109 -13.35 16.51 7.95
C THR C 109 -12.84 17.80 7.30
N ILE C 110 -11.85 17.67 6.42
CA ILE C 110 -11.32 18.82 5.69
C ILE C 110 -12.44 19.48 4.86
N MET C 111 -13.46 18.70 4.47
CA MET C 111 -14.53 19.24 3.63
C MET C 111 -15.43 20.19 4.42
N HIS C 112 -15.64 19.88 5.71
CA HIS C 112 -16.41 20.76 6.59
C HIS C 112 -15.64 22.04 6.86
N LEU C 113 -14.35 21.86 7.15
CA LEU C 113 -13.49 22.98 7.55
C LEU C 113 -13.32 24.00 6.43
N VAL C 114 -13.05 23.55 5.21
CA VAL C 114 -12.95 24.48 4.09
C VAL C 114 -14.33 25.05 3.78
N GLY C 115 -15.37 24.24 3.99
CA GLY C 115 -16.72 24.71 3.80
C GLY C 115 -17.02 25.92 4.66
N ASP C 116 -16.62 25.84 5.92
CA ASP C 116 -16.76 26.94 6.87
C ASP C 116 -16.09 28.20 6.36
N ILE C 117 -14.85 28.07 5.88
CA ILE C 117 -14.07 29.25 5.50
C ILE C 117 -14.56 29.89 4.19
N VAL C 118 -14.98 29.07 3.23
CA VAL C 118 -15.61 29.57 2.01
C VAL C 118 -16.86 30.38 2.35
N ALA C 119 -17.67 29.86 3.26
CA ALA C 119 -18.87 30.57 3.68
C ALA C 119 -18.52 31.87 4.39
N LEU C 120 -17.46 31.84 5.21
CA LEU C 120 -16.98 33.03 5.90
C LEU C 120 -16.58 34.13 4.92
N ILE C 121 -15.76 33.76 3.93
CA ILE C 121 -15.34 34.67 2.87
C ILE C 121 -16.54 35.27 2.11
N ASP C 122 -17.52 34.43 1.80
CA ASP C 122 -18.72 34.89 1.11
C ASP C 122 -19.50 35.91 1.98
N SER C 123 -19.50 35.72 3.29
CA SER C 123 -20.24 36.60 4.17
C SER C 123 -19.59 37.98 4.27
N LEU C 124 -18.29 38.07 4.02
CA LEU C 124 -17.58 39.35 4.08
C LEU C 124 -17.97 40.30 2.94
N GLY C 125 -18.57 39.76 1.89
CA GLY C 125 -19.07 40.60 0.81
C GLY C 125 -18.05 41.16 -0.14
N VAL C 126 -16.80 40.71 -0.02
CA VAL C 126 -15.76 41.07 -0.98
C VAL C 126 -15.52 39.87 -1.91
N GLY C 127 -14.88 40.11 -3.05
CA GLY C 127 -14.66 39.05 -4.02
C GLY C 127 -13.51 38.12 -3.66
N GLN C 128 -12.36 38.71 -3.35
CA GLN C 128 -11.17 37.94 -2.98
C GLN C 128 -10.61 38.40 -1.65
N VAL C 129 -9.80 37.55 -1.03
CA VAL C 129 -9.12 37.91 0.22
C VAL C 129 -7.64 37.53 0.16
N PHE C 130 -6.84 38.15 1.03
CA PHE C 130 -5.49 37.66 1.26
C PHE C 130 -5.60 36.63 2.38
N LEU C 131 -4.91 35.51 2.22
CA LEU C 131 -5.01 34.44 3.19
C LEU C 131 -3.69 34.28 3.90
N VAL C 132 -3.76 34.15 5.22
CA VAL C 132 -2.59 33.86 6.06
C VAL C 132 -2.99 32.73 7.02
N ALA C 133 -2.16 31.71 7.14
CA ALA C 133 -2.51 30.58 8.00
C ALA C 133 -1.32 29.85 8.59
N HIS C 134 -1.60 29.05 9.60
CA HIS C 134 -0.58 28.41 10.41
C HIS C 134 -1.08 27.07 10.91
N ASP C 135 -0.20 26.07 10.93
CA ASP C 135 -0.53 24.77 11.51
C ASP C 135 -1.75 24.13 10.83
N TRP C 136 -2.74 23.71 11.62
CA TRP C 136 -3.92 23.10 11.01
C TRP C 136 -4.65 24.12 10.14
N GLY C 137 -4.53 25.39 10.49
CA GLY C 137 -5.13 26.45 9.67
C GLY C 137 -4.48 26.50 8.29
N ALA C 138 -3.19 26.20 8.24
CA ALA C 138 -2.48 26.19 6.97
C ALA C 138 -2.93 25.02 6.11
N ILE C 139 -3.28 23.92 6.74
CA ILE C 139 -3.83 22.78 6.02
C ILE C 139 -5.18 23.13 5.43
N VAL C 140 -6.07 23.70 6.23
CA VAL C 140 -7.34 24.25 5.72
C VAL C 140 -7.04 25.19 4.57
N GLY C 141 -6.07 26.07 4.77
CA GLY C 141 -5.69 27.03 3.76
C GLY C 141 -5.27 26.38 2.45
N TRP C 142 -4.44 25.34 2.52
CA TRP C 142 -4.00 24.67 1.29
C TRP C 142 -5.19 24.13 0.50
N TYR C 143 -6.08 23.41 1.17
CA TYR C 143 -7.25 22.88 0.47
C TYR C 143 -8.24 23.96 0.00
N LEU C 144 -8.31 25.07 0.74
CA LEU C 144 -9.07 26.23 0.27
C LEU C 144 -8.53 26.71 -1.08
N CYS C 145 -7.21 26.80 -1.18
CA CYS C 145 -6.56 27.23 -2.42
C CYS C 145 -6.79 26.25 -3.56
N LEU C 146 -6.82 24.95 -3.25
CA LEU C 146 -7.12 23.93 -4.24
C LEU C 146 -8.59 23.95 -4.65
N PHE C 147 -9.48 24.10 -3.66
CA PHE C 147 -10.91 23.99 -3.94
C PHE C 147 -11.49 25.24 -4.60
N ARG C 148 -11.09 26.41 -4.14
CA ARG C 148 -11.68 27.67 -4.62
C ARG C 148 -10.61 28.73 -4.81
N PRO C 149 -9.62 28.47 -5.68
CA PRO C 149 -8.47 29.39 -5.81
C PRO C 149 -8.90 30.79 -6.23
N GLU C 150 -10.06 30.90 -6.87
CA GLU C 150 -10.55 32.19 -7.34
C GLU C 150 -10.87 33.13 -6.17
N LYS C 151 -11.06 32.57 -4.98
CA LYS C 151 -11.32 33.42 -3.81
C LYS C 151 -10.07 33.93 -3.09
N ILE C 152 -8.89 33.43 -3.48
CA ILE C 152 -7.64 33.76 -2.79
C ILE C 152 -6.70 34.56 -3.72
N LYS C 153 -6.44 35.84 -3.40
CA LYS C 153 -5.48 36.66 -4.16
C LYS C 153 -4.08 36.11 -4.01
N ALA C 154 -3.69 35.87 -2.77
CA ALA C 154 -2.38 35.33 -2.44
C ALA C 154 -2.43 34.71 -1.05
N TYR C 155 -1.50 33.79 -0.82
CA TYR C 155 -1.50 32.99 0.39
C TYR C 155 -0.14 33.08 1.06
N VAL C 156 -0.12 33.54 2.32
CA VAL C 156 1.09 33.49 3.14
C VAL C 156 0.95 32.32 4.08
N CYS C 157 1.76 31.27 3.88
CA CYS C 157 1.59 30.03 4.59
C CYS C 157 2.68 29.86 5.64
N LEU C 158 2.28 29.60 6.88
CA LEU C 158 3.23 29.41 7.99
C LEU C 158 3.30 27.97 8.50
N SER C 159 4.53 27.45 8.62
CA SER C 159 4.83 26.15 9.25
C SER C 159 4.55 24.87 8.45
N VAL C 160 3.35 24.74 7.89
CA VAL C 160 3.00 23.49 7.20
C VAL C 160 3.00 23.67 5.70
N PRO C 161 3.99 23.08 5.01
CA PRO C 161 3.98 23.21 3.54
C PRO C 161 2.89 22.37 2.90
N PHE C 162 2.68 22.56 1.59
CA PHE C 162 1.77 21.72 0.85
C PHE C 162 2.20 20.26 0.99
N MET C 163 1.23 19.37 1.17
CA MET C 163 1.56 17.96 1.22
C MET C 163 0.80 17.18 0.16
N PRO C 164 1.52 16.73 -0.88
CA PRO C 164 0.94 15.98 -2.00
C PRO C 164 0.32 14.71 -1.47
N ARG C 165 -0.91 14.39 -1.87
CA ARG C 165 -1.53 13.14 -1.44
C ARG C 165 -0.71 11.91 -1.83
N ASN C 166 -0.45 11.04 -0.86
CA ASN C 166 0.21 9.75 -1.12
C ASN C 166 -0.84 8.67 -1.31
N PRO C 167 -1.01 8.20 -2.56
CA PRO C 167 -2.08 7.22 -2.80
C PRO C 167 -1.77 5.84 -2.26
N LYS C 168 -0.51 5.56 -1.92
CA LYS C 168 -0.10 4.21 -1.52
C LYS C 168 -0.48 3.88 -0.08
N VAL C 169 -0.67 4.91 0.74
CA VAL C 169 -0.82 4.69 2.18
C VAL C 169 -1.59 5.85 2.83
N ARG C 170 -2.46 5.50 3.76
CA ARG C 170 -3.18 6.49 4.55
C ARG C 170 -2.22 7.20 5.53
N PRO C 171 -2.52 8.47 5.83
CA PRO C 171 -1.58 9.30 6.59
C PRO C 171 -1.30 8.83 8.01
N VAL C 172 -2.31 8.38 8.74
CA VAL C 172 -2.08 7.94 10.12
C VAL C 172 -1.44 6.56 10.12
N ASP C 173 -1.79 5.73 9.14
CA ASP C 173 -1.15 4.43 8.97
C ASP C 173 0.35 4.62 8.72
N ALA C 174 0.69 5.61 7.90
CA ALA C 174 2.08 5.93 7.63
C ALA C 174 2.79 6.43 8.91
N MET C 175 2.14 7.29 9.68
CA MET C 175 2.76 7.78 10.93
C MET C 175 3.05 6.66 11.91
N ARG C 176 2.11 5.73 12.04
CA ARG C 176 2.25 4.61 12.96
C ARG C 176 3.40 3.73 12.51
N ALA C 177 3.53 3.53 11.20
CA ALA C 177 4.62 2.74 10.65
C ALA C 177 5.98 3.42 10.87
N LEU C 178 6.01 4.73 10.69
CA LEU C 178 7.23 5.52 10.87
C LEU C 178 7.58 5.72 12.35
N TYR C 179 6.58 6.00 13.17
CA TYR C 179 6.86 6.46 14.54
C TYR C 179 6.29 5.60 15.66
N GLY C 180 5.47 4.62 15.31
CA GLY C 180 4.90 3.74 16.32
C GLY C 180 3.68 4.34 17.00
N ASP C 181 3.09 3.59 17.93
CA ASP C 181 1.80 3.92 18.53
C ASP C 181 1.81 5.16 19.42
N ASP C 182 2.97 5.53 19.95
CA ASP C 182 3.05 6.67 20.86
C ASP C 182 3.30 8.01 20.16
N TYR C 183 3.50 7.96 18.84
CA TYR C 183 3.52 9.18 18.04
C TYR C 183 2.23 9.95 18.35
N TYR C 184 2.34 11.26 18.57
CA TYR C 184 1.21 12.02 19.11
C TYR C 184 -0.05 11.92 18.26
N ILE C 185 0.09 11.98 16.94
CA ILE C 185 -1.10 11.92 16.09
C ILE C 185 -1.81 10.55 16.19
N CYS C 186 -1.02 9.49 16.33
CA CYS C 186 -1.61 8.17 16.52
C CYS C 186 -2.38 8.11 17.83
N ARG C 187 -1.80 8.68 18.88
CA ARG C 187 -2.43 8.73 20.20
C ARG C 187 -3.70 9.59 20.22
N PHE C 188 -3.76 10.62 19.38
CA PHE C 188 -4.94 11.49 19.27
C PHE C 188 -6.15 10.77 18.65
N GLN C 189 -5.92 9.64 18.01
CA GLN C 189 -6.98 9.01 17.23
C GLN C 189 -8.14 8.51 18.08
N GLU C 190 -7.85 7.74 19.12
CA GLU C 190 -8.90 7.12 19.93
C GLU C 190 -9.62 8.17 20.77
N PRO C 191 -10.95 8.22 20.64
CA PRO C 191 -11.74 9.29 21.26
C PRO C 191 -11.64 9.25 22.78
N GLY C 192 -11.46 10.41 23.40
CA GLY C 192 -11.42 10.51 24.86
C GLY C 192 -10.02 10.40 25.42
N LYS C 193 -9.19 9.55 24.81
CA LYS C 193 -7.88 9.21 25.35
C LYS C 193 -6.93 10.41 25.53
N ALA C 194 -6.70 11.18 24.47
CA ALA C 194 -5.85 12.38 24.59
C ALA C 194 -6.44 13.37 25.58
N GLU C 195 -7.76 13.54 25.55
CA GLU C 195 -8.43 14.44 26.48
C GLU C 195 -8.12 14.05 27.93
N ALA C 196 -8.30 12.78 28.28
CA ALA C 196 -7.98 12.25 29.60
C ALA C 196 -6.52 12.44 29.95
N LEU C 197 -5.66 12.22 28.96
CA LEU C 197 -4.23 12.41 29.16
C LEU C 197 -3.88 13.86 29.51
N TYR C 198 -4.43 14.82 28.75
CA TYR C 198 -4.16 16.23 29.01
C TYR C 198 -4.96 16.75 30.20
N GLY C 199 -5.94 15.98 30.65
CA GLY C 199 -6.73 16.36 31.81
C GLY C 199 -5.94 16.19 33.10
N ASN C 203 -5.67 21.59 35.33
CA ASN C 203 -4.86 22.71 34.86
C ASN C 203 -4.58 22.68 33.35
N ILE C 204 -5.56 23.11 32.54
CA ILE C 204 -5.43 23.09 31.07
C ILE C 204 -4.49 24.19 30.57
N GLY C 205 -4.29 25.23 31.38
CA GLY C 205 -3.44 26.33 30.97
C GLY C 205 -1.97 25.98 31.03
N GLU C 206 -1.62 25.12 31.99
CA GLU C 206 -0.27 24.62 32.10
C GLU C 206 0.03 23.73 30.90
N VAL C 207 -0.97 22.93 30.53
CA VAL C 207 -0.90 22.09 29.34
C VAL C 207 -0.60 22.93 28.10
N ILE C 208 -1.37 24.00 27.91
CA ILE C 208 -1.16 24.88 26.76
C ILE C 208 0.19 25.58 26.82
N LYS C 209 0.58 26.01 28.02
CA LYS C 209 1.89 26.62 28.25
C LYS C 209 3.04 25.73 27.77
N SER C 210 2.95 24.44 28.05
CA SER C 210 4.02 23.51 27.69
C SER C 210 4.05 23.24 26.19
N ILE C 211 2.89 23.30 25.54
CA ILE C 211 2.81 23.11 24.10
C ILE C 211 3.35 24.36 23.39
N LEU C 212 2.95 25.53 23.88
CA LEU C 212 3.32 26.80 23.25
C LEU C 212 4.81 27.16 23.36
N THR C 213 5.46 26.62 24.38
CA THR C 213 6.86 26.95 24.65
C THR C 213 7.82 25.84 24.21
N ASN C 214 7.26 24.70 23.84
CA ASN C 214 8.04 23.55 23.36
C ASN C 214 9.06 23.95 22.30
N ARG C 215 10.24 23.34 22.37
CA ARG C 215 11.25 23.52 21.34
C ARG C 215 11.99 22.22 21.06
N ARG C 216 11.53 21.13 21.65
CA ARG C 216 12.11 19.82 21.39
C ARG C 216 12.16 19.48 19.90
N PRO C 217 13.16 18.68 19.49
CA PRO C 217 13.24 18.32 18.07
C PRO C 217 12.59 16.97 17.78
N GLY C 218 12.05 16.82 16.58
CA GLY C 218 11.66 15.50 16.09
C GLY C 218 10.30 14.99 16.48
N PRO C 219 10.00 13.74 16.10
CA PRO C 219 8.68 13.11 16.27
C PRO C 219 8.18 13.24 17.69
N PRO C 220 7.14 14.07 17.91
CA PRO C 220 6.59 14.16 19.26
C PRO C 220 5.97 12.82 19.68
N ILE C 221 6.63 12.11 20.58
CA ILE C 221 6.12 10.85 21.15
C ILE C 221 5.62 11.07 22.58
N LEU C 222 4.40 10.65 22.84
CA LEU C 222 3.78 10.79 24.17
C LEU C 222 4.22 9.63 25.08
N PRO C 223 4.18 9.85 26.41
CA PRO C 223 4.47 8.80 27.39
C PRO C 223 3.41 7.70 27.46
N LYS C 224 2.67 7.65 28.56
CA LYS C 224 1.72 6.56 28.90
C LYS C 224 1.94 5.22 28.17
N PRO C 238 9.61 28.50 32.82
CA PRO C 238 9.57 29.96 32.69
C PRO C 238 9.15 30.41 31.28
N LEU C 239 8.54 31.59 31.18
CA LEU C 239 7.98 32.04 29.91
C LEU C 239 8.96 32.79 29.04
N PRO C 240 9.01 32.44 27.75
CA PRO C 240 9.80 33.12 26.72
C PRO C 240 9.41 34.59 26.61
N SER C 241 10.24 35.38 25.94
CA SER C 241 10.02 36.81 25.83
C SER C 241 8.70 37.18 25.17
N TRP C 242 8.20 36.32 24.30
CA TRP C 242 7.05 36.61 23.43
C TRP C 242 5.71 36.11 23.96
N LEU C 243 5.72 35.36 25.05
CA LEU C 243 4.49 34.84 25.64
C LEU C 243 4.34 35.29 27.10
N SER C 244 3.22 35.94 27.44
CA SER C 244 3.01 36.37 28.82
C SER C 244 1.98 35.50 29.55
N GLU C 245 1.98 35.57 30.88
CA GLU C 245 1.01 34.81 31.67
C GLU C 245 -0.39 35.30 31.35
N GLU C 246 -0.46 36.58 30.98
CA GLU C 246 -1.67 37.19 30.43
C GLU C 246 -2.20 36.41 29.23
N ASP C 247 -1.31 36.20 28.25
CA ASP C 247 -1.63 35.38 27.06
C ASP C 247 -2.03 33.96 27.45
N VAL C 248 -1.23 33.33 28.30
CA VAL C 248 -1.53 31.99 28.79
C VAL C 248 -2.91 31.93 29.42
N THR C 249 -3.22 32.93 30.25
CA THR C 249 -4.52 32.97 30.92
C THR C 249 -5.69 33.08 29.92
N TYR C 250 -5.56 33.92 28.90
CA TYR C 250 -6.59 34.01 27.86
C TYR C 250 -6.82 32.63 27.24
N TYR C 251 -5.74 31.98 26.80
CA TYR C 251 -5.83 30.65 26.20
C TYR C 251 -6.48 29.69 27.17
N ALA C 252 -6.03 29.74 28.42
CA ALA C 252 -6.51 28.82 29.43
C ALA C 252 -7.99 29.03 29.66
N SER C 253 -8.41 30.29 29.66
CA SER C 253 -9.83 30.59 29.84
C SER C 253 -10.70 30.03 28.72
N LYS C 254 -10.24 30.14 27.48
CA LYS C 254 -11.04 29.64 26.37
C LYS C 254 -11.05 28.11 26.32
N PHE C 255 -9.88 27.50 26.52
CA PHE C 255 -9.78 26.03 26.48
C PHE C 255 -10.34 25.35 27.74
N SER C 256 -10.44 26.10 28.84
CA SER C 256 -11.17 25.62 30.01
C SER C 256 -12.66 25.51 29.67
N LYS C 257 -13.14 26.41 28.81
CA LYS C 257 -14.53 26.40 28.37
C LYS C 257 -14.80 25.31 27.34
N THR C 258 -13.90 25.19 26.36
CA THR C 258 -14.10 24.33 25.20
C THR C 258 -13.55 22.92 25.35
N GLY C 259 -12.42 22.78 26.03
CA GLY C 259 -11.69 21.53 26.01
C GLY C 259 -10.91 21.44 24.71
N LEU C 260 -10.27 20.30 24.48
CA LEU C 260 -9.39 20.14 23.32
C LEU C 260 -10.01 19.27 22.23
N THR C 261 -11.20 18.72 22.51
CA THR C 261 -11.84 17.76 21.63
C THR C 261 -12.07 18.27 20.21
N GLY C 262 -12.62 19.48 20.08
CA GLY C 262 -12.78 20.10 18.78
C GLY C 262 -11.52 20.03 17.92
N GLY C 263 -10.42 20.57 18.45
CA GLY C 263 -9.15 20.59 17.73
C GLY C 263 -8.58 19.21 17.47
N LEU C 264 -8.75 18.30 18.42
CA LEU C 264 -8.23 16.95 18.27
C LEU C 264 -9.02 16.22 17.18
N ASN C 265 -10.29 16.58 17.07
CA ASN C 265 -11.13 15.99 16.04
C ASN C 265 -10.62 16.24 14.61
N TYR C 266 -9.86 17.32 14.40
CA TYR C 266 -9.21 17.53 13.10
C TYR C 266 -8.28 16.34 12.79
N TYR C 267 -7.44 15.96 13.75
CA TYR C 267 -6.53 14.80 13.58
C TYR C 267 -7.27 13.48 13.40
N ARG C 268 -8.42 13.34 14.05
CA ARG C 268 -9.20 12.11 13.96
C ARG C 268 -9.87 11.93 12.61
N ASN C 269 -9.66 12.89 11.71
CA ASN C 269 -10.24 12.80 10.37
C ASN C 269 -9.19 12.70 9.29
N LEU C 270 -7.93 12.56 9.69
CA LEU C 270 -6.82 12.55 8.72
C LEU C 270 -6.98 11.43 7.71
N ASN C 271 -7.37 10.25 8.18
CA ASN C 271 -7.53 9.10 7.29
C ASN C 271 -8.76 9.23 6.41
N LEU C 272 -9.85 9.72 6.98
CA LEU C 272 -11.04 9.96 6.17
C LEU C 272 -10.76 11.06 5.12
N ASN C 273 -10.13 12.16 5.55
CA ASN C 273 -9.71 13.22 4.61
C ASN C 273 -8.98 12.65 3.40
N TRP C 274 -8.05 11.75 3.68
CA TRP C 274 -7.29 11.07 2.64
C TRP C 274 -8.20 10.38 1.64
N GLU C 275 -9.20 9.64 2.14
CA GLU C 275 -10.17 9.00 1.26
C GLU C 275 -10.98 10.02 0.45
N LEU C 276 -11.31 11.15 1.07
CA LEU C 276 -12.17 12.15 0.42
C LEU C 276 -11.46 13.07 -0.59
N THR C 277 -10.13 13.12 -0.51
CA THR C 277 -9.36 14.04 -1.34
C THR C 277 -8.61 13.36 -2.48
N ALA C 278 -9.03 12.16 -2.85
CA ALA C 278 -8.37 11.43 -3.93
C ALA C 278 -8.44 12.17 -5.26
N ALA C 279 -9.46 12.99 -5.45
CA ALA C 279 -9.60 13.76 -6.70
C ALA C 279 -8.48 14.76 -6.86
N TRP C 280 -7.77 15.07 -5.77
CA TRP C 280 -6.68 16.04 -5.86
C TRP C 280 -5.29 15.41 -5.90
N THR C 281 -5.24 14.09 -6.10
CA THR C 281 -3.95 13.41 -6.33
C THR C 281 -3.27 14.10 -7.51
N GLY C 282 -2.03 14.52 -7.30
CA GLY C 282 -1.27 15.22 -8.33
C GLY C 282 -1.73 16.62 -8.70
N ALA C 283 -2.69 17.18 -7.96
CA ALA C 283 -3.18 18.51 -8.26
C ALA C 283 -2.09 19.54 -7.95
N LYS C 284 -2.16 20.69 -8.61
CA LYS C 284 -1.22 21.79 -8.36
C LYS C 284 -1.93 23.02 -7.82
N VAL C 285 -1.28 23.72 -6.90
CA VAL C 285 -1.85 24.95 -6.32
C VAL C 285 -1.58 26.14 -7.25
N LYS C 286 -2.65 26.81 -7.69
CA LYS C 286 -2.55 27.88 -8.68
C LYS C 286 -2.65 29.28 -8.05
N VAL C 287 -2.34 29.39 -6.76
CA VAL C 287 -2.36 30.66 -6.03
C VAL C 287 -0.91 31.04 -5.70
N PRO C 288 -0.57 32.34 -5.78
CA PRO C 288 0.77 32.76 -5.37
C PRO C 288 0.95 32.52 -3.86
N VAL C 289 2.06 31.90 -3.48
CA VAL C 289 2.30 31.55 -2.08
C VAL C 289 3.66 32.03 -1.57
N LYS C 290 3.66 32.58 -0.35
CA LYS C 290 4.89 32.83 0.38
C LYS C 290 4.89 31.89 1.58
N PHE C 291 5.85 30.98 1.61
CA PHE C 291 5.97 30.06 2.74
C PHE C 291 7.01 30.54 3.73
N ILE C 292 6.66 30.52 5.02
CA ILE C 292 7.58 30.92 6.06
C ILE C 292 7.57 29.94 7.23
N THR C 293 8.74 29.47 7.64
CA THR C 293 8.83 28.55 8.77
C THR C 293 10.01 28.87 9.68
N GLY C 294 9.87 28.62 10.97
CA GLY C 294 11.02 28.62 11.86
C GLY C 294 11.85 27.36 11.61
N ASP C 295 13.15 27.43 11.83
CA ASP C 295 14.03 26.30 11.54
C ASP C 295 14.01 25.21 12.62
N LEU C 296 13.35 25.48 13.75
CA LEU C 296 13.17 24.47 14.78
C LEU C 296 11.80 23.81 14.71
N ASP C 297 10.97 24.25 13.77
CA ASP C 297 9.65 23.64 13.61
C ASP C 297 9.79 22.13 13.42
N VAL C 298 8.96 21.37 14.13
CA VAL C 298 9.00 19.92 14.04
C VAL C 298 8.63 19.43 12.64
N VAL C 299 7.75 20.16 11.96
CA VAL C 299 7.38 19.81 10.58
C VAL C 299 8.59 19.97 9.66
N TYR C 300 9.21 21.15 9.72
CA TYR C 300 10.38 21.44 8.91
C TYR C 300 11.49 20.42 9.11
N THR C 301 11.70 20.01 10.36
CA THR C 301 12.76 19.06 10.68
C THR C 301 12.32 17.59 10.52
N SER C 302 11.05 17.37 10.19
CA SER C 302 10.55 15.99 10.03
C SER C 302 11.02 15.36 8.73
N LEU C 303 10.92 14.03 8.67
CA LEU C 303 11.46 13.23 7.57
C LEU C 303 11.00 13.70 6.20
N GLY C 304 11.96 14.10 5.37
CA GLY C 304 11.67 14.42 3.98
C GLY C 304 11.14 15.82 3.68
N ILE C 305 10.77 16.58 4.71
CA ILE C 305 10.20 17.91 4.49
C ILE C 305 11.21 18.94 3.94
N LYS C 306 12.37 19.08 4.57
CA LYS C 306 13.39 19.99 4.06
C LYS C 306 13.81 19.58 2.65
N ASP C 307 13.83 18.28 2.40
CA ASP C 307 14.14 17.76 1.07
C ASP C 307 13.03 18.15 0.08
N TYR C 308 11.78 17.95 0.49
CA TYR C 308 10.63 18.33 -0.34
C TYR C 308 10.78 19.79 -0.77
N ILE C 309 11.22 20.64 0.15
CA ILE C 309 11.39 22.06 -0.12
C ILE C 309 12.62 22.36 -1.00
N ASP C 310 13.76 21.75 -0.68
CA ASP C 310 15.02 22.06 -1.34
C ASP C 310 15.17 21.41 -2.71
N SER C 311 14.55 20.25 -2.89
CA SER C 311 14.65 19.53 -4.18
C SER C 311 13.90 20.26 -5.27
N GLY C 312 13.02 21.18 -4.89
CA GLY C 312 12.16 21.85 -5.86
C GLY C 312 10.82 21.14 -6.04
N ALA C 313 10.57 20.10 -5.25
CA ALA C 313 9.29 19.40 -5.34
C ALA C 313 8.11 20.29 -4.88
N PHE C 314 8.34 21.07 -3.82
CA PHE C 314 7.36 22.02 -3.28
C PHE C 314 7.00 22.97 -4.40
N LYS C 315 8.02 23.50 -5.06
CA LYS C 315 7.85 24.43 -6.16
C LYS C 315 7.09 23.79 -7.33
N ARG C 316 7.28 22.47 -7.53
CA ARG C 316 6.56 21.75 -8.58
C ARG C 316 5.04 21.69 -8.31
N ASP C 317 4.67 21.43 -7.06
CA ASP C 317 3.26 21.31 -6.69
C ASP C 317 2.60 22.67 -6.50
N VAL C 318 3.42 23.68 -6.20
CA VAL C 318 2.94 25.05 -6.00
C VAL C 318 3.77 25.95 -6.90
N PRO C 319 3.46 25.94 -8.21
CA PRO C 319 4.26 26.65 -9.22
C PRO C 319 4.39 28.17 -9.01
N TYR C 320 3.51 28.80 -8.24
CA TYR C 320 3.71 30.22 -7.93
C TYR C 320 4.16 30.47 -6.51
N LEU C 321 4.88 29.50 -5.95
CA LEU C 321 5.58 29.66 -4.68
C LEU C 321 6.77 30.62 -4.84
N GLU C 322 6.82 31.62 -3.98
CA GLU C 322 7.93 32.57 -3.92
C GLU C 322 9.07 32.00 -3.11
N GLU C 323 9.97 32.88 -2.69
CA GLU C 323 11.12 32.51 -1.88
C GLU C 323 10.69 31.97 -0.54
N VAL C 324 11.05 30.72 -0.25
CA VAL C 324 10.82 30.14 1.07
C VAL C 324 11.59 31.00 2.09
N VAL C 325 10.96 31.31 3.22
CA VAL C 325 11.63 32.03 4.29
C VAL C 325 11.83 31.11 5.47
N VAL C 326 13.09 30.91 5.86
CA VAL C 326 13.46 30.07 6.99
C VAL C 326 13.99 31.00 8.09
N GLN C 327 13.30 31.05 9.24
CA GLN C 327 13.63 31.96 10.33
C GLN C 327 14.55 31.26 11.33
N GLU C 328 15.79 31.74 11.45
CA GLU C 328 16.77 31.10 12.32
C GLU C 328 16.39 31.18 13.79
N GLY C 329 16.46 30.03 14.48
CA GLY C 329 16.24 29.99 15.91
C GLY C 329 14.78 30.10 16.34
N VAL C 330 13.87 29.98 15.38
CA VAL C 330 12.44 30.07 15.66
C VAL C 330 11.82 28.67 15.59
N ALA C 331 10.99 28.34 16.58
CA ALA C 331 10.31 27.05 16.61
C ALA C 331 8.92 27.14 15.96
N HIS C 332 8.02 26.27 16.38
CA HIS C 332 6.76 26.05 15.65
C HIS C 332 5.80 27.25 15.54
N PHE C 333 5.67 28.01 16.63
CA PHE C 333 4.70 29.11 16.67
C PHE C 333 5.28 30.42 16.17
N ASN C 334 5.76 30.41 14.94
CA ASN C 334 6.46 31.57 14.41
C ASN C 334 5.63 32.87 14.31
N ASN C 335 4.30 32.76 14.18
CA ASN C 335 3.47 33.97 14.20
C ASN C 335 3.55 34.74 15.53
N GLN C 336 3.69 34.02 16.64
CA GLN C 336 3.77 34.62 17.97
C GLN C 336 5.21 34.97 18.34
N GLU C 337 6.11 34.01 18.15
CA GLU C 337 7.50 34.12 18.58
C GLU C 337 8.27 35.17 17.78
N ALA C 338 7.96 35.25 16.49
CA ALA C 338 8.55 36.26 15.63
C ALA C 338 7.45 37.14 15.05
N ALA C 339 6.64 37.72 15.94
CA ALA C 339 5.44 38.47 15.56
C ALA C 339 5.71 39.60 14.57
N GLU C 340 6.70 40.43 14.88
CA GLU C 340 7.01 41.58 14.05
C GLU C 340 7.46 41.18 12.65
N ASP C 341 8.39 40.24 12.57
CA ASP C 341 8.94 39.79 11.29
C ASP C 341 7.87 39.16 10.40
N ILE C 342 7.02 38.33 11.01
CA ILE C 342 5.91 37.73 10.30
C ILE C 342 4.96 38.83 9.77
N SER C 343 4.62 39.81 10.61
CA SER C 343 3.79 40.91 10.15
C SER C 343 4.39 41.63 8.95
N ASN C 344 5.69 41.93 9.01
CA ASN C 344 6.36 42.57 7.89
C ASN C 344 6.41 41.66 6.67
N HIS C 345 6.58 40.36 6.91
CA HIS C 345 6.64 39.42 5.81
C HIS C 345 5.31 39.33 5.07
N ILE C 346 4.21 39.42 5.82
CA ILE C 346 2.89 39.45 5.22
C ILE C 346 2.71 40.73 4.41
N TYR C 347 2.98 41.87 5.04
CA TYR C 347 2.85 43.16 4.35
C TYR C 347 3.61 43.25 3.03
N GLU C 348 4.87 42.83 3.03
CA GLU C 348 5.73 42.93 1.85
C GLU C 348 5.29 42.05 0.68
N PHE C 349 4.64 40.94 1.00
CA PHE C 349 4.16 40.00 -0.01
C PHE C 349 2.85 40.49 -0.61
N ILE C 350 1.87 40.76 0.23
CA ILE C 350 0.51 41.09 -0.25
C ILE C 350 0.41 42.46 -0.90
N LYS C 351 1.40 43.32 -0.64
CA LYS C 351 1.43 44.64 -1.29
C LYS C 351 1.87 44.52 -2.75
N LYS C 352 2.41 43.38 -3.12
CA LYS C 352 2.75 43.10 -4.52
C LYS C 352 1.50 42.86 -5.35
N PHE C 353 0.37 42.68 -4.67
CA PHE C 353 -0.89 42.33 -5.32
C PHE C 353 -1.90 43.46 -5.17
N SER D 34 -32.01 15.52 36.60
CA SER D 34 -32.37 15.62 35.19
C SER D 34 -33.29 14.48 34.80
N MET D 35 -33.24 13.41 35.61
CA MET D 35 -34.07 12.23 35.42
C MET D 35 -35.52 12.59 35.64
N GLU D 36 -35.74 13.71 36.30
CA GLU D 36 -37.07 14.15 36.65
C GLU D 36 -37.89 14.48 35.41
N GLU D 37 -37.18 14.86 34.33
CA GLU D 37 -37.82 15.23 33.07
C GLU D 37 -38.10 14.04 32.15
N ILE D 38 -37.76 12.84 32.60
CA ILE D 38 -38.16 11.62 31.88
C ILE D 38 -39.59 11.30 32.27
N GLU D 39 -40.45 11.10 31.27
CA GLU D 39 -41.86 10.82 31.51
C GLU D 39 -42.08 9.31 31.68
N HIS D 40 -43.05 8.96 32.52
CA HIS D 40 -43.42 7.57 32.74
C HIS D 40 -44.92 7.44 32.61
N ARG D 41 -45.36 6.40 31.90
CA ARG D 41 -46.78 6.12 31.76
C ARG D 41 -46.95 4.60 31.61
N THR D 42 -48.20 4.15 31.67
CA THR D 42 -48.53 2.75 31.47
C THR D 42 -49.42 2.66 30.22
N VAL D 43 -49.18 1.65 29.39
CA VAL D 43 -49.95 1.47 28.17
C VAL D 43 -50.27 -0.01 27.99
N GLU D 44 -51.48 -0.30 27.51
CA GLU D 44 -51.90 -1.69 27.23
C GLU D 44 -51.34 -2.16 25.90
N VAL D 45 -50.41 -3.10 25.95
CA VAL D 45 -49.81 -3.67 24.73
C VAL D 45 -49.85 -5.20 24.78
N ASN D 46 -50.37 -5.80 23.71
CA ASN D 46 -50.44 -7.24 23.56
C ASN D 46 -51.08 -7.90 24.79
N GLY D 47 -52.11 -7.25 25.30
CA GLY D 47 -52.85 -7.81 26.42
C GLY D 47 -52.21 -7.65 27.78
N ILE D 48 -51.14 -6.85 27.88
CA ILE D 48 -50.54 -6.58 29.20
C ILE D 48 -50.30 -5.09 29.41
N LYS D 49 -50.21 -4.69 30.68
CA LYS D 49 -49.89 -3.30 31.03
C LYS D 49 -48.39 -3.12 31.07
N MET D 50 -47.88 -2.21 30.24
CA MET D 50 -46.45 -2.03 30.10
C MET D 50 -46.08 -0.66 30.57
N HIS D 51 -45.04 -0.59 31.41
CA HIS D 51 -44.50 0.69 31.82
C HIS D 51 -43.54 1.16 30.76
N VAL D 52 -43.68 2.42 30.37
CA VAL D 52 -42.82 3.03 29.36
C VAL D 52 -42.19 4.31 29.92
N ALA D 53 -40.86 4.39 29.82
CA ALA D 53 -40.16 5.64 30.12
C ALA D 53 -39.85 6.33 28.79
N GLU D 54 -40.01 7.65 28.73
CA GLU D 54 -39.65 8.34 27.50
C GLU D 54 -39.25 9.81 27.68
N LYS D 55 -38.40 10.29 26.79
CA LYS D 55 -38.01 11.69 26.80
C LYS D 55 -37.70 12.14 25.39
N GLY D 56 -37.99 13.40 25.10
CA GLY D 56 -37.59 13.99 23.85
C GLY D 56 -38.65 13.96 22.76
N GLU D 57 -38.34 14.62 21.65
CA GLU D 57 -39.22 14.66 20.49
C GLU D 57 -38.39 14.35 19.25
N GLY D 58 -39.05 13.77 18.25
CA GLY D 58 -38.36 13.42 17.02
C GLY D 58 -38.59 11.97 16.67
N PRO D 59 -37.69 11.41 15.84
CA PRO D 59 -37.80 9.99 15.46
C PRO D 59 -37.61 9.13 16.72
N VAL D 60 -38.34 8.03 16.81
CA VAL D 60 -38.28 7.17 18.00
C VAL D 60 -37.03 6.29 18.04
N VAL D 61 -36.34 6.30 19.18
CA VAL D 61 -35.28 5.33 19.46
C VAL D 61 -35.78 4.45 20.62
N LEU D 62 -36.08 3.19 20.31
CA LEU D 62 -36.68 2.26 21.26
C LEU D 62 -35.61 1.38 21.91
N PHE D 63 -35.50 1.43 23.24
CA PHE D 63 -34.48 0.66 23.97
C PHE D 63 -35.08 -0.59 24.64
N LEU D 64 -34.42 -1.73 24.49
CA LEU D 64 -34.88 -2.97 25.14
C LEU D 64 -33.81 -3.52 26.08
N HIS D 65 -34.07 -3.47 27.37
CA HIS D 65 -33.10 -3.92 28.38
C HIS D 65 -33.13 -5.43 28.51
N GLY D 66 -32.17 -5.98 29.26
CA GLY D 66 -32.12 -7.41 29.48
C GLY D 66 -32.22 -7.85 30.93
N PHE D 67 -31.50 -8.92 31.28
CA PHE D 67 -31.57 -9.54 32.61
C PHE D 67 -30.33 -9.24 33.44
N PRO D 68 -30.50 -8.93 34.75
CA PRO D 68 -31.77 -8.64 35.41
C PRO D 68 -31.86 -7.13 35.52
N GLU D 69 -32.40 -6.48 34.48
CA GLU D 69 -32.36 -5.03 34.41
C GLU D 69 -33.73 -4.38 34.23
N LEU D 70 -33.74 -3.13 33.81
CA LEU D 70 -34.97 -2.33 33.74
C LEU D 70 -34.76 -1.26 32.69
N TRP D 71 -35.82 -0.49 32.41
CA TRP D 71 -35.71 0.76 31.65
C TRP D 71 -34.54 1.61 32.14
N TYR D 72 -34.35 1.62 33.46
CA TYR D 72 -33.36 2.46 34.14
C TYR D 72 -31.95 2.24 33.61
N SER D 73 -31.71 1.04 33.08
N SER D 73 -31.70 1.05 33.07
CA SER D 73 -30.40 0.67 32.54
CA SER D 73 -30.39 0.71 32.56
C SER D 73 -30.01 1.56 31.36
C SER D 73 -30.00 1.60 31.39
N TRP D 74 -31.01 2.21 30.77
CA TRP D 74 -30.80 3.08 29.61
C TRP D 74 -30.80 4.57 29.97
N ARG D 75 -30.78 4.87 31.27
CA ARG D 75 -30.86 6.25 31.78
C ARG D 75 -29.92 7.20 31.03
N HIS D 76 -28.69 6.77 30.80
CA HIS D 76 -27.70 7.62 30.13
C HIS D 76 -27.97 7.82 28.65
N GLN D 77 -28.50 6.80 27.99
CA GLN D 77 -28.82 6.93 26.57
C GLN D 77 -30.11 7.74 26.36
N ILE D 78 -31.06 7.58 27.28
CA ILE D 78 -32.33 8.31 27.21
C ILE D 78 -32.11 9.81 27.30
N LEU D 79 -31.25 10.23 28.24
CA LEU D 79 -30.95 11.65 28.41
C LEU D 79 -30.13 12.16 27.22
N ALA D 80 -29.11 11.38 26.83
CA ALA D 80 -28.22 11.77 25.76
C ALA D 80 -28.93 11.91 24.39
N LEU D 81 -29.73 10.90 24.02
CA LEU D 81 -30.38 10.91 22.70
C LEU D 81 -31.51 11.93 22.63
N SER D 82 -32.23 12.10 23.73
CA SER D 82 -33.35 13.04 23.78
C SER D 82 -32.91 14.51 23.67
N SER D 83 -31.62 14.76 23.91
CA SER D 83 -31.06 16.10 23.74
C SER D 83 -30.24 16.17 22.45
N ARG D 84 -30.48 15.23 21.56
CA ARG D 84 -29.83 15.23 20.25
C ARG D 84 -30.88 15.13 19.16
N GLY D 85 -32.13 15.43 19.53
CA GLY D 85 -33.22 15.48 18.58
C GLY D 85 -33.98 14.17 18.40
N TYR D 86 -33.93 13.29 19.40
CA TYR D 86 -34.66 12.03 19.31
C TYR D 86 -35.66 11.80 20.44
N ARG D 87 -36.71 11.04 20.13
CA ARG D 87 -37.66 10.60 21.14
C ARG D 87 -37.21 9.24 21.67
N ALA D 88 -36.57 9.23 22.84
CA ALA D 88 -36.09 7.99 23.42
C ALA D 88 -37.24 7.31 24.14
N VAL D 89 -37.49 6.05 23.81
CA VAL D 89 -38.53 5.27 24.49
C VAL D 89 -37.90 4.04 25.13
N ALA D 90 -38.14 3.81 26.42
CA ALA D 90 -37.59 2.65 27.11
C ALA D 90 -38.62 2.02 28.03
N PRO D 91 -39.13 0.85 27.63
CA PRO D 91 -40.11 0.15 28.47
C PRO D 91 -39.42 -0.73 29.49
N ASP D 92 -40.15 -1.10 30.55
CA ASP D 92 -39.81 -2.30 31.31
C ASP D 92 -40.43 -3.46 30.51
N LEU D 93 -39.65 -4.49 30.20
CA LEU D 93 -40.17 -5.60 29.41
C LEU D 93 -41.11 -6.45 30.25
N ARG D 94 -41.89 -7.31 29.60
CA ARG D 94 -42.79 -8.25 30.28
C ARG D 94 -42.06 -8.92 31.44
N GLY D 95 -42.66 -8.87 32.64
CA GLY D 95 -42.09 -9.51 33.81
C GLY D 95 -41.13 -8.68 34.66
N TYR D 96 -41.00 -7.40 34.34
CA TYR D 96 -39.97 -6.55 34.93
C TYR D 96 -40.52 -5.24 35.49
N GLY D 97 -39.96 -4.79 36.62
CA GLY D 97 -40.27 -3.48 37.16
C GLY D 97 -41.75 -3.14 37.29
N ASP D 98 -42.16 -2.13 36.54
CA ASP D 98 -43.52 -1.60 36.65
C ASP D 98 -44.43 -2.15 35.54
N THR D 99 -43.90 -3.10 34.77
CA THR D 99 -44.66 -3.79 33.74
C THR D 99 -45.24 -5.07 34.31
N GLU D 100 -46.46 -5.40 33.90
CA GLU D 100 -47.13 -6.63 34.31
C GLU D 100 -46.25 -7.85 34.16
N ALA D 101 -46.31 -8.74 35.14
CA ALA D 101 -45.63 -10.03 35.05
C ALA D 101 -46.66 -11.16 35.07
N PRO D 102 -47.08 -11.66 33.89
CA PRO D 102 -48.02 -12.79 33.86
C PRO D 102 -47.51 -13.92 34.74
N GLU D 103 -48.43 -14.67 35.35
CA GLU D 103 -48.06 -15.70 36.31
C GLU D 103 -47.45 -16.94 35.66
N SER D 104 -47.94 -17.31 34.48
CA SER D 104 -47.53 -18.56 33.85
C SER D 104 -46.22 -18.46 33.06
N ILE D 105 -45.34 -19.45 33.27
CA ILE D 105 -44.09 -19.53 32.53
C ILE D 105 -44.34 -19.49 31.01
N SER D 106 -45.43 -20.11 30.57
CA SER D 106 -45.72 -20.20 29.14
C SER D 106 -46.00 -18.84 28.45
N SER D 107 -46.17 -17.78 29.23
CA SER D 107 -46.42 -16.46 28.67
C SER D 107 -45.14 -15.68 28.41
N TYR D 108 -44.00 -16.37 28.45
CA TYR D 108 -42.72 -15.69 28.23
C TYR D 108 -41.93 -16.26 27.05
N THR D 109 -42.61 -16.88 26.08
CA THR D 109 -41.93 -17.29 24.85
C THR D 109 -41.46 -16.07 24.07
N ILE D 110 -40.55 -16.29 23.15
CA ILE D 110 -40.09 -15.24 22.26
C ILE D 110 -41.28 -14.67 21.43
N MET D 111 -42.31 -15.49 21.20
CA MET D 111 -43.45 -15.00 20.42
C MET D 111 -44.24 -13.97 21.22
N HIS D 112 -44.37 -14.20 22.52
CA HIS D 112 -45.06 -13.23 23.37
C HIS D 112 -44.27 -11.92 23.46
N LEU D 113 -42.95 -12.06 23.61
CA LEU D 113 -42.08 -10.92 23.87
C LEU D 113 -41.97 -10.01 22.65
N VAL D 114 -41.77 -10.60 21.48
CA VAL D 114 -41.77 -9.81 20.26
C VAL D 114 -43.16 -9.21 20.00
N GLY D 115 -44.21 -9.98 20.29
CA GLY D 115 -45.57 -9.45 20.15
C GLY D 115 -45.81 -8.21 21.01
N ASP D 116 -45.28 -8.24 22.23
CA ASP D 116 -45.36 -7.08 23.14
C ASP D 116 -44.74 -5.86 22.47
N ILE D 117 -43.59 -6.05 21.85
CA ILE D 117 -42.84 -4.92 21.30
C ILE D 117 -43.46 -4.42 19.99
N VAL D 118 -43.98 -5.33 19.17
CA VAL D 118 -44.66 -4.91 17.96
C VAL D 118 -45.84 -4.05 18.33
N ALA D 119 -46.58 -4.51 19.34
CA ALA D 119 -47.72 -3.78 19.86
C ALA D 119 -47.33 -2.42 20.44
N LEU D 120 -46.18 -2.36 21.12
CA LEU D 120 -45.69 -1.09 21.69
C LEU D 120 -45.36 -0.07 20.59
N ILE D 121 -44.68 -0.55 19.55
CA ILE D 121 -44.37 0.27 18.38
C ILE D 121 -45.65 0.86 17.76
N ASP D 122 -46.66 0.01 17.55
CA ASP D 122 -47.92 0.47 16.99
C ASP D 122 -48.60 1.55 17.89
N SER D 123 -48.45 1.40 19.21
CA SER D 123 -49.00 2.35 20.18
C SER D 123 -48.36 3.74 20.11
N LEU D 124 -47.13 3.84 19.61
CA LEU D 124 -46.42 5.11 19.57
C LEU D 124 -46.84 5.98 18.38
N GLY D 125 -47.65 5.41 17.49
CA GLY D 125 -48.16 6.15 16.36
C GLY D 125 -47.12 6.51 15.31
N VAL D 126 -46.06 5.72 15.24
CA VAL D 126 -45.13 5.80 14.11
C VAL D 126 -45.09 4.43 13.43
N GLY D 127 -44.64 4.41 12.18
CA GLY D 127 -44.51 3.16 11.44
C GLY D 127 -43.15 2.51 11.66
N GLN D 128 -42.14 3.33 11.90
CA GLN D 128 -40.77 2.83 12.07
C GLN D 128 -40.14 3.42 13.30
N VAL D 129 -39.19 2.68 13.88
CA VAL D 129 -38.38 3.17 14.98
C VAL D 129 -36.92 2.77 14.78
N PHE D 130 -36.03 3.48 15.46
CA PHE D 130 -34.66 3.01 15.60
C PHE D 130 -34.67 2.07 16.79
N LEU D 131 -33.91 0.97 16.70
CA LEU D 131 -33.90 -0.02 17.77
C LEU D 131 -32.53 -0.13 18.44
N VAL D 132 -32.53 -0.15 19.77
CA VAL D 132 -31.33 -0.41 20.54
C VAL D 132 -31.70 -1.46 21.59
N ALA D 133 -30.84 -2.44 21.79
CA ALA D 133 -31.16 -3.49 22.76
C ALA D 133 -29.91 -4.19 23.26
N HIS D 134 -30.07 -4.90 24.38
CA HIS D 134 -28.94 -5.45 25.10
C HIS D 134 -29.39 -6.72 25.83
N ASP D 135 -28.53 -7.73 25.85
CA ASP D 135 -28.84 -8.97 26.57
C ASP D 135 -30.13 -9.60 26.05
N TRP D 136 -31.03 -10.03 26.94
CA TRP D 136 -32.28 -10.63 26.47
C TRP D 136 -33.04 -9.64 25.59
N GLY D 137 -32.89 -8.34 25.88
CA GLY D 137 -33.49 -7.31 25.05
C GLY D 137 -33.06 -7.43 23.60
N ALA D 138 -31.80 -7.80 23.42
CA ALA D 138 -31.21 -7.91 22.08
C ALA D 138 -31.71 -9.15 21.36
N ILE D 139 -31.91 -10.23 22.11
CA ILE D 139 -32.53 -11.43 21.54
C ILE D 139 -33.94 -11.12 21.02
N VAL D 140 -34.74 -10.45 21.84
CA VAL D 140 -36.09 -10.01 21.43
C VAL D 140 -35.96 -9.15 20.18
N GLY D 141 -35.01 -8.23 20.23
CA GLY D 141 -34.70 -7.37 19.10
C GLY D 141 -34.33 -8.10 17.81
N TRP D 142 -33.51 -9.14 17.90
CA TRP D 142 -33.19 -9.92 16.69
C TRP D 142 -34.43 -10.53 16.05
N TYR D 143 -35.32 -11.11 16.87
CA TYR D 143 -36.53 -11.73 16.31
C TYR D 143 -37.54 -10.70 15.82
N LEU D 144 -37.59 -9.54 16.48
CA LEU D 144 -38.42 -8.44 16.00
C LEU D 144 -37.94 -8.03 14.61
N CYS D 145 -36.63 -7.94 14.43
CA CYS D 145 -36.03 -7.62 13.13
C CYS D 145 -36.34 -8.69 12.11
N LEU D 146 -36.21 -9.96 12.53
CA LEU D 146 -36.62 -11.07 11.67
C LEU D 146 -38.10 -11.01 11.27
N PHE D 147 -38.99 -10.79 12.25
CA PHE D 147 -40.43 -10.89 11.99
C PHE D 147 -41.03 -9.68 11.27
N ARG D 148 -40.63 -8.47 11.69
CA ARG D 148 -41.23 -7.26 11.11
C ARG D 148 -40.15 -6.23 10.76
N PRO D 149 -39.26 -6.57 9.81
CA PRO D 149 -38.15 -5.66 9.51
C PRO D 149 -38.61 -4.29 9.03
N GLU D 150 -39.81 -4.21 8.48
CA GLU D 150 -40.32 -2.92 7.98
C GLU D 150 -40.49 -1.88 9.10
N LYS D 151 -40.64 -2.37 10.34
CA LYS D 151 -40.81 -1.48 11.50
C LYS D 151 -39.51 -0.95 12.09
N ILE D 152 -38.37 -1.50 11.64
CA ILE D 152 -37.08 -1.13 12.20
C ILE D 152 -36.18 -0.46 11.17
N LYS D 153 -35.91 0.82 11.37
CA LYS D 153 -35.07 1.60 10.45
C LYS D 153 -33.63 1.12 10.52
N ALA D 154 -33.14 0.98 11.74
CA ALA D 154 -31.76 0.56 11.98
C ALA D 154 -31.67 0.00 13.39
N TYR D 155 -30.81 -0.99 13.61
CA TYR D 155 -30.71 -1.67 14.90
C TYR D 155 -29.31 -1.54 15.50
N VAL D 156 -29.19 -0.92 16.68
CA VAL D 156 -27.92 -0.98 17.41
C VAL D 156 -27.99 -2.08 18.44
N CYS D 157 -27.20 -3.13 18.23
CA CYS D 157 -27.31 -4.34 19.04
C CYS D 157 -26.13 -4.50 19.98
N LEU D 158 -26.41 -4.64 21.27
CA LEU D 158 -25.37 -4.75 22.28
C LEU D 158 -25.26 -6.15 22.85
N SER D 159 -24.03 -6.65 22.90
CA SER D 159 -23.68 -7.87 23.64
C SER D 159 -24.06 -9.22 23.01
N VAL D 160 -25.27 -9.34 22.49
CA VAL D 160 -25.71 -10.63 21.98
C VAL D 160 -25.86 -10.56 20.46
N PRO D 161 -24.99 -11.25 19.72
CA PRO D 161 -25.06 -11.23 18.26
C PRO D 161 -26.20 -12.12 17.79
N PHE D 162 -26.54 -12.04 16.51
CA PHE D 162 -27.54 -12.94 15.96
C PHE D 162 -27.09 -14.35 16.20
N MET D 163 -28.04 -15.21 16.57
CA MET D 163 -27.73 -16.61 16.77
C MET D 163 -28.59 -17.48 15.89
N PRO D 164 -27.99 -18.05 14.85
CA PRO D 164 -28.74 -18.91 13.91
C PRO D 164 -29.30 -20.09 14.69
N ARG D 165 -30.55 -20.47 14.42
CA ARG D 165 -31.14 -21.63 15.08
C ARG D 165 -30.33 -22.88 14.76
N ASN D 166 -29.99 -23.66 15.77
CA ASN D 166 -29.31 -24.94 15.53
C ASN D 166 -30.33 -26.06 15.42
N PRO D 167 -30.48 -26.63 14.21
CA PRO D 167 -31.54 -27.60 13.96
C PRO D 167 -31.27 -28.99 14.56
N LYS D 168 -30.01 -29.27 14.91
CA LYS D 168 -29.61 -30.56 15.45
C LYS D 168 -29.98 -30.78 16.92
N VAL D 169 -30.04 -29.71 17.70
CA VAL D 169 -30.21 -29.83 19.15
C VAL D 169 -30.88 -28.61 19.81
N ARG D 170 -31.66 -28.87 20.86
N ARG D 170 -31.66 -28.87 20.86
CA ARG D 170 -32.29 -27.81 21.66
CA ARG D 170 -32.29 -27.81 21.66
C ARG D 170 -31.21 -27.08 22.45
C ARG D 170 -31.22 -27.08 22.46
N PRO D 171 -31.38 -25.75 22.65
CA PRO D 171 -30.29 -24.95 23.20
C PRO D 171 -29.91 -25.29 24.64
N VAL D 172 -30.88 -25.55 25.51
CA VAL D 172 -30.54 -25.85 26.89
C VAL D 172 -29.97 -27.27 26.99
N ASP D 173 -30.50 -28.20 26.19
CA ASP D 173 -29.95 -29.56 26.11
C ASP D 173 -28.48 -29.53 25.73
N ALA D 174 -28.14 -28.69 24.75
CA ALA D 174 -26.76 -28.47 24.35
C ALA D 174 -25.93 -27.90 25.49
N MET D 175 -26.41 -26.83 26.12
CA MET D 175 -25.72 -26.20 27.25
C MET D 175 -25.37 -27.22 28.33
N ARG D 176 -26.30 -28.12 28.62
CA ARG D 176 -26.10 -29.11 29.69
C ARG D 176 -25.02 -30.12 29.31
N ALA D 177 -25.06 -30.56 28.05
CA ALA D 177 -24.04 -31.47 27.57
C ALA D 177 -22.67 -30.80 27.54
N LEU D 178 -22.66 -29.50 27.21
CA LEU D 178 -21.40 -28.75 27.12
C LEU D 178 -20.82 -28.30 28.46
N TYR D 179 -21.68 -27.82 29.36
CA TYR D 179 -21.21 -27.17 30.57
C TYR D 179 -21.70 -27.84 31.85
N GLY D 180 -22.61 -28.80 31.71
CA GLY D 180 -23.10 -29.54 32.88
C GLY D 180 -24.24 -28.88 33.60
N ASP D 181 -24.83 -29.60 34.55
CA ASP D 181 -26.04 -29.17 35.23
C ASP D 181 -25.97 -27.82 35.94
N ASP D 182 -24.76 -27.39 36.29
CA ASP D 182 -24.58 -26.17 37.08
C ASP D 182 -24.25 -24.95 36.23
N TYR D 183 -24.27 -25.13 34.92
CA TYR D 183 -24.28 -23.97 34.01
C TYR D 183 -25.50 -23.13 34.40
N TYR D 184 -25.35 -21.82 34.48
CA TYR D 184 -26.42 -21.01 35.07
C TYR D 184 -27.76 -21.18 34.37
N ILE D 185 -27.75 -21.27 33.04
CA ILE D 185 -29.01 -21.38 32.29
C ILE D 185 -29.75 -22.69 32.58
N CYS D 186 -28.99 -23.78 32.71
CA CYS D 186 -29.55 -25.07 33.15
C CYS D 186 -30.18 -24.96 34.55
N ARG D 187 -29.47 -24.31 35.47
CA ARG D 187 -29.97 -24.15 36.85
C ARG D 187 -31.22 -23.28 36.89
N PHE D 188 -31.36 -22.39 35.91
CA PHE D 188 -32.52 -21.50 35.83
C PHE D 188 -33.83 -22.22 35.44
N GLN D 189 -33.74 -23.44 34.93
CA GLN D 189 -34.92 -24.07 34.32
C GLN D 189 -35.99 -24.44 35.34
N GLU D 190 -35.59 -25.11 36.41
CA GLU D 190 -36.52 -25.59 37.43
C GLU D 190 -37.18 -24.43 38.17
N PRO D 191 -38.53 -24.37 38.13
CA PRO D 191 -39.24 -23.25 38.75
C PRO D 191 -38.87 -23.13 40.23
N GLY D 192 -38.59 -21.92 40.70
CA GLY D 192 -38.40 -21.71 42.13
C GLY D 192 -36.99 -21.86 42.67
N LYS D 193 -36.18 -22.72 42.02
CA LYS D 193 -34.83 -23.02 42.53
C LYS D 193 -33.90 -21.80 42.51
N ALA D 194 -33.78 -21.20 41.34
CA ALA D 194 -32.91 -20.04 41.19
C ALA D 194 -33.38 -18.87 42.08
N GLU D 195 -34.69 -18.68 42.16
CA GLU D 195 -35.27 -17.65 43.03
C GLU D 195 -34.85 -17.87 44.48
N ALA D 196 -34.87 -19.12 44.93
CA ALA D 196 -34.47 -19.46 46.29
C ALA D 196 -32.98 -19.24 46.45
N LEU D 197 -32.21 -19.62 45.43
CA LEU D 197 -30.77 -19.39 45.46
C LEU D 197 -30.42 -17.92 45.72
N TYR D 198 -30.91 -17.02 44.88
CA TYR D 198 -30.58 -15.60 45.02
C TYR D 198 -31.28 -15.03 46.26
N GLY D 199 -32.45 -15.57 46.60
CA GLY D 199 -33.17 -15.15 47.80
C GLY D 199 -32.47 -15.46 49.11
N SER D 200 -31.61 -16.49 49.12
CA SER D 200 -30.95 -16.94 50.34
C SER D 200 -30.03 -15.87 50.94
N ASN D 201 -29.61 -14.90 50.12
CA ASN D 201 -28.76 -13.82 50.60
C ASN D 201 -29.56 -12.80 51.40
N ASN D 202 -30.89 -12.85 51.25
CA ASN D 202 -31.79 -11.93 51.92
C ASN D 202 -31.41 -10.45 51.70
N ASN D 203 -30.90 -10.17 50.51
CA ASN D 203 -30.56 -8.81 50.12
C ASN D 203 -30.42 -8.79 48.60
N ILE D 204 -31.54 -8.58 47.90
CA ILE D 204 -31.55 -8.63 46.44
C ILE D 204 -30.67 -7.55 45.81
N GLY D 205 -30.53 -6.43 46.52
CA GLY D 205 -29.65 -5.35 46.08
C GLY D 205 -28.22 -5.81 45.91
N GLU D 206 -27.69 -6.51 46.92
CA GLU D 206 -26.33 -7.04 46.83
C GLU D 206 -26.23 -8.06 45.69
N VAL D 207 -27.30 -8.82 45.48
CA VAL D 207 -27.37 -9.77 44.38
C VAL D 207 -27.27 -9.05 43.02
N ILE D 208 -28.17 -8.09 42.80
CA ILE D 208 -28.12 -7.28 41.58
C ILE D 208 -26.75 -6.62 41.42
N LYS D 209 -26.20 -6.11 42.53
CA LYS D 209 -24.90 -5.47 42.49
C LYS D 209 -23.79 -6.45 42.06
N SER D 210 -23.81 -7.66 42.62
CA SER D 210 -22.79 -8.66 42.28
C SER D 210 -22.85 -9.05 40.81
N ILE D 211 -24.07 -9.14 40.28
CA ILE D 211 -24.28 -9.45 38.87
C ILE D 211 -23.78 -8.30 38.00
N LEU D 212 -24.26 -7.10 38.29
CA LEU D 212 -23.92 -5.93 37.47
C LEU D 212 -22.43 -5.62 37.44
N THR D 213 -21.75 -5.91 38.53
CA THR D 213 -20.33 -5.55 38.66
C THR D 213 -19.40 -6.72 38.30
N ASN D 214 -19.97 -7.89 38.04
CA ASN D 214 -19.15 -9.03 37.65
C ASN D 214 -18.34 -8.80 36.37
N ARG D 215 -17.08 -9.23 36.39
CA ARG D 215 -16.18 -9.08 35.25
C ARG D 215 -15.47 -10.40 34.96
N ARG D 216 -15.90 -11.44 35.67
CA ARG D 216 -15.36 -12.78 35.52
C ARG D 216 -15.80 -13.36 34.18
N PRO D 217 -14.84 -13.86 33.38
CA PRO D 217 -15.24 -14.47 32.11
C PRO D 217 -15.35 -15.99 32.22
N GLY D 218 -15.73 -16.63 31.12
CA GLY D 218 -15.95 -18.07 31.13
C GLY D 218 -17.39 -18.41 31.46
N PRO D 219 -17.77 -19.67 31.23
CA PRO D 219 -19.14 -20.12 31.45
C PRO D 219 -19.54 -19.89 32.92
N PRO D 220 -20.63 -19.17 33.15
CA PRO D 220 -21.03 -19.00 34.55
C PRO D 220 -21.56 -20.30 35.17
N ILE D 221 -20.86 -20.80 36.19
CA ILE D 221 -21.23 -22.03 36.87
C ILE D 221 -21.65 -21.71 38.30
N LEU D 222 -22.88 -22.04 38.65
CA LEU D 222 -23.37 -21.76 40.00
C LEU D 222 -22.82 -22.77 41.00
N PRO D 223 -22.75 -22.38 42.28
CA PRO D 223 -22.42 -23.39 43.29
C PRO D 223 -23.53 -24.43 43.37
N LYS D 224 -23.18 -25.71 43.43
CA LYS D 224 -24.18 -26.78 43.61
C LYS D 224 -25.04 -26.45 44.82
N GLU D 225 -26.31 -26.84 44.79
CA GLU D 225 -27.35 -26.46 45.77
C GLU D 225 -27.56 -24.95 45.98
N PRO D 238 -16.87 -2.82 46.37
CA PRO D 238 -16.26 -1.60 45.81
C PRO D 238 -16.95 -1.20 44.50
N LEU D 239 -18.05 -0.46 44.59
CA LEU D 239 -18.79 -0.03 43.40
C LEU D 239 -17.91 0.65 42.36
N PRO D 240 -17.91 0.12 41.14
CA PRO D 240 -17.14 0.75 40.07
C PRO D 240 -17.71 2.15 39.82
N SER D 241 -16.94 3.02 39.19
CA SER D 241 -17.32 4.44 39.11
C SER D 241 -18.50 4.71 38.17
N TRP D 242 -19.12 3.66 37.64
CA TRP D 242 -20.22 3.80 36.69
C TRP D 242 -21.54 3.35 37.28
N LEU D 243 -21.47 2.80 38.49
CA LEU D 243 -22.67 2.31 39.18
C LEU D 243 -22.67 2.87 40.60
N SER D 244 -23.74 3.57 40.96
CA SER D 244 -23.81 4.20 42.29
C SER D 244 -24.67 3.37 43.24
N GLU D 245 -24.56 3.70 44.52
CA GLU D 245 -25.40 3.11 45.56
C GLU D 245 -26.85 3.47 45.26
N GLU D 246 -27.04 4.65 44.71
CA GLU D 246 -28.37 5.13 44.32
C GLU D 246 -28.95 4.23 43.23
N ASP D 247 -28.15 3.99 42.18
CA ASP D 247 -28.52 3.07 41.10
C ASP D 247 -28.94 1.70 41.67
N VAL D 248 -28.03 1.06 42.41
CA VAL D 248 -28.32 -0.22 43.06
C VAL D 248 -29.62 -0.20 43.85
N THR D 249 -29.80 0.87 44.63
CA THR D 249 -31.00 1.07 45.44
C THR D 249 -32.25 1.09 44.57
N TYR D 250 -32.17 1.75 43.41
CA TYR D 250 -33.32 1.78 42.49
C TYR D 250 -33.65 0.38 41.96
N TYR D 251 -32.64 -0.33 41.45
CA TYR D 251 -32.83 -1.70 41.00
C TYR D 251 -33.48 -2.55 42.10
N ALA D 252 -32.90 -2.50 43.29
CA ALA D 252 -33.43 -3.27 44.42
C ALA D 252 -34.88 -2.89 44.76
N SER D 253 -35.23 -1.62 44.60
CA SER D 253 -36.59 -1.18 44.84
C SER D 253 -37.61 -1.91 43.97
N LYS D 254 -37.21 -2.25 42.74
CA LYS D 254 -38.13 -2.94 41.83
C LYS D 254 -38.09 -4.46 41.98
N PHE D 255 -36.88 -5.01 42.10
CA PHE D 255 -36.72 -6.45 42.15
C PHE D 255 -37.16 -7.06 43.50
N SER D 256 -37.05 -6.30 44.59
CA SER D 256 -37.54 -6.78 45.89
C SER D 256 -39.06 -6.92 45.85
N LYS D 257 -39.68 -6.21 44.92
CA LYS D 257 -41.13 -6.25 44.76
C LYS D 257 -41.60 -7.25 43.68
N THR D 258 -40.93 -7.27 42.52
CA THR D 258 -41.32 -8.16 41.43
C THR D 258 -40.77 -9.56 41.63
N GLY D 259 -39.56 -9.64 42.18
CA GLY D 259 -38.83 -10.90 42.20
C GLY D 259 -38.12 -11.10 40.87
N LEU D 260 -37.37 -12.18 40.76
CA LEU D 260 -36.61 -12.45 39.55
C LEU D 260 -37.38 -13.36 38.59
N THR D 261 -38.56 -13.82 39.01
CA THR D 261 -39.27 -14.85 38.27
C THR D 261 -39.57 -14.47 36.83
N GLY D 262 -40.07 -13.26 36.61
CA GLY D 262 -40.39 -12.79 35.27
C GLY D 262 -39.21 -12.91 34.33
N GLY D 263 -38.07 -12.37 34.74
CA GLY D 263 -36.85 -12.45 33.95
C GLY D 263 -36.32 -13.86 33.76
N LEU D 264 -36.34 -14.67 34.83
CA LEU D 264 -35.91 -16.07 34.73
C LEU D 264 -36.79 -16.86 33.77
N ASN D 265 -38.06 -16.48 33.70
CA ASN D 265 -38.99 -17.15 32.79
C ASN D 265 -38.60 -17.05 31.32
N TYR D 266 -37.81 -16.04 30.94
CA TYR D 266 -37.34 -15.93 29.56
C TYR D 266 -36.43 -17.14 29.26
N TYR D 267 -35.52 -17.44 30.19
CA TYR D 267 -34.60 -18.55 30.04
C TYR D 267 -35.35 -19.89 30.07
N ARG D 268 -36.45 -19.94 30.81
CA ARG D 268 -37.26 -21.16 30.92
C ARG D 268 -38.03 -21.50 29.63
N ASN D 269 -37.93 -20.63 28.63
CA ASN D 269 -38.60 -20.89 27.35
C ASN D 269 -37.64 -21.11 26.21
N LEU D 270 -36.35 -21.17 26.53
CA LEU D 270 -35.32 -21.35 25.50
C LEU D 270 -35.58 -22.58 24.63
N ASN D 271 -35.94 -23.70 25.26
CA ASN D 271 -36.25 -24.91 24.52
C ASN D 271 -37.55 -24.79 23.72
N LEU D 272 -38.59 -24.21 24.33
CA LEU D 272 -39.85 -24.03 23.60
C LEU D 272 -39.67 -23.03 22.46
N ASN D 273 -38.88 -21.98 22.70
CA ASN D 273 -38.56 -21.03 21.64
C ASN D 273 -37.98 -21.75 20.44
N TRP D 274 -37.04 -22.67 20.71
CA TRP D 274 -36.40 -23.45 19.65
C TRP D 274 -37.44 -24.24 18.84
N GLU D 275 -38.39 -24.84 19.54
CA GLU D 275 -39.45 -25.57 18.86
C GLU D 275 -40.31 -24.64 18.01
N LEU D 276 -40.61 -23.46 18.54
CA LEU D 276 -41.52 -22.54 17.85
C LEU D 276 -40.87 -21.81 16.69
N THR D 277 -39.54 -21.86 16.60
CA THR D 277 -38.86 -21.04 15.60
C THR D 277 -38.24 -21.83 14.45
N ALA D 278 -38.62 -23.10 14.32
CA ALA D 278 -38.12 -23.93 13.21
C ALA D 278 -38.33 -23.30 11.84
N ALA D 279 -39.36 -22.44 11.71
CA ALA D 279 -39.59 -21.75 10.44
C ALA D 279 -38.46 -20.78 10.08
N TRP D 280 -37.65 -20.36 11.07
CA TRP D 280 -36.57 -19.41 10.75
C TRP D 280 -35.16 -20.01 10.63
N THR D 281 -35.08 -21.33 10.56
CA THR D 281 -33.83 -22.01 10.18
C THR D 281 -33.28 -21.40 8.91
N GLY D 282 -32.06 -20.89 9.00
CA GLY D 282 -31.40 -20.31 7.84
C GLY D 282 -31.88 -18.94 7.42
N ALA D 283 -32.84 -18.36 8.15
CA ALA D 283 -33.35 -17.05 7.76
C ALA D 283 -32.30 -15.97 7.96
N LYS D 284 -32.37 -14.92 7.15
CA LYS D 284 -31.43 -13.80 7.27
C LYS D 284 -32.13 -12.53 7.73
N VAL D 285 -31.44 -11.76 8.58
CA VAL D 285 -31.91 -10.47 9.06
C VAL D 285 -31.69 -9.37 8.02
N LYS D 286 -32.75 -8.63 7.68
CA LYS D 286 -32.64 -7.60 6.62
C LYS D 286 -32.53 -6.15 7.09
N VAL D 287 -32.40 -5.94 8.40
CA VAL D 287 -32.29 -4.60 8.98
C VAL D 287 -30.81 -4.19 9.05
N PRO D 288 -30.50 -2.91 8.77
CA PRO D 288 -29.15 -2.40 9.01
C PRO D 288 -28.81 -2.52 10.50
N VAL D 289 -27.66 -3.11 10.80
CA VAL D 289 -27.24 -3.37 12.18
C VAL D 289 -25.84 -2.84 12.49
N LYS D 290 -25.68 -2.26 13.67
CA LYS D 290 -24.37 -1.99 14.25
C LYS D 290 -24.26 -2.81 15.53
N PHE D 291 -23.34 -3.77 15.56
CA PHE D 291 -23.15 -4.61 16.75
C PHE D 291 -21.97 -4.12 17.58
N ILE D 292 -22.17 -4.07 18.90
CA ILE D 292 -21.18 -3.53 19.82
C ILE D 292 -21.07 -4.40 21.09
N THR D 293 -19.88 -4.92 21.38
CA THR D 293 -19.68 -5.70 22.61
C THR D 293 -18.45 -5.23 23.37
N GLY D 294 -18.50 -5.38 24.70
CA GLY D 294 -17.29 -5.32 25.51
C GLY D 294 -16.47 -6.60 25.29
N ASP D 295 -15.14 -6.49 25.34
CA ASP D 295 -14.31 -7.65 25.00
C ASP D 295 -14.21 -8.66 26.13
N LEU D 296 -14.72 -8.30 27.30
CA LEU D 296 -14.79 -9.21 28.44
C LEU D 296 -16.19 -9.80 28.63
N ASP D 297 -17.07 -9.56 27.66
CA ASP D 297 -18.42 -10.11 27.71
C ASP D 297 -18.36 -11.63 27.62
N VAL D 298 -18.99 -12.30 28.59
CA VAL D 298 -19.17 -13.77 28.58
C VAL D 298 -19.72 -14.34 27.26
N VAL D 299 -20.61 -13.59 26.61
CA VAL D 299 -21.12 -13.99 25.30
C VAL D 299 -20.01 -13.96 24.24
N TYR D 300 -19.33 -12.82 24.13
CA TYR D 300 -18.21 -12.66 23.21
C TYR D 300 -17.15 -13.77 23.33
N THR D 301 -16.83 -14.17 24.55
CA THR D 301 -15.76 -15.13 24.81
C THR D 301 -16.24 -16.58 24.76
N SER D 302 -17.55 -16.78 24.61
CA SER D 302 -18.12 -18.13 24.67
C SER D 302 -17.82 -18.90 23.38
N LEU D 303 -17.97 -20.22 23.45
CA LEU D 303 -17.62 -21.11 22.35
C LEU D 303 -18.11 -20.63 21.00
N GLY D 304 -17.17 -20.27 20.12
CA GLY D 304 -17.50 -20.01 18.73
C GLY D 304 -18.01 -18.62 18.37
N ILE D 305 -18.35 -17.80 19.37
CA ILE D 305 -18.94 -16.49 19.08
C ILE D 305 -17.96 -15.55 18.37
N LYS D 306 -16.74 -15.46 18.89
CA LYS D 306 -15.72 -14.62 18.26
C LYS D 306 -15.44 -15.06 16.81
N ASP D 307 -15.43 -16.37 16.58
CA ASP D 307 -15.22 -16.93 15.24
C ASP D 307 -16.45 -16.72 14.35
N TYR D 308 -17.64 -16.93 14.91
CA TYR D 308 -18.89 -16.61 14.21
C TYR D 308 -18.80 -15.18 13.65
N ILE D 309 -18.34 -14.27 14.50
CA ILE D 309 -18.19 -12.87 14.15
C ILE D 309 -17.05 -12.66 13.13
N ASP D 310 -15.91 -13.29 13.38
CA ASP D 310 -14.72 -13.05 12.56
C ASP D 310 -14.72 -13.72 11.19
N SER D 311 -15.28 -14.93 11.08
CA SER D 311 -15.28 -15.66 9.82
C SER D 311 -16.22 -15.04 8.78
N GLY D 312 -17.03 -14.08 9.22
CA GLY D 312 -17.99 -13.43 8.35
C GLY D 312 -19.37 -14.05 8.37
N ALA D 313 -19.51 -15.14 9.13
CA ALA D 313 -20.78 -15.84 9.26
C ALA D 313 -21.89 -14.87 9.72
N PHE D 314 -21.56 -14.08 10.74
CA PHE D 314 -22.42 -13.02 11.23
C PHE D 314 -22.90 -12.17 10.06
N LYS D 315 -21.96 -11.70 9.24
CA LYS D 315 -22.29 -10.87 8.09
C LYS D 315 -23.16 -11.64 7.09
N ARG D 316 -22.95 -12.95 6.98
CA ARG D 316 -23.78 -13.77 6.09
C ARG D 316 -25.26 -13.74 6.50
N ASP D 317 -25.50 -13.80 7.81
CA ASP D 317 -26.85 -13.93 8.34
C ASP D 317 -27.52 -12.56 8.47
N VAL D 318 -26.68 -11.51 8.49
CA VAL D 318 -27.13 -10.14 8.68
C VAL D 318 -26.41 -9.29 7.63
N PRO D 319 -26.89 -9.33 6.38
CA PRO D 319 -26.16 -8.68 5.29
C PRO D 319 -25.98 -7.17 5.42
N TYR D 320 -26.90 -6.46 6.08
CA TYR D 320 -26.74 -5.02 6.25
C TYR D 320 -26.09 -4.65 7.58
N LEU D 321 -25.37 -5.61 8.16
CA LEU D 321 -24.48 -5.34 9.28
C LEU D 321 -23.32 -4.46 8.80
N GLU D 322 -23.16 -3.30 9.42
CA GLU D 322 -22.24 -2.30 8.89
C GLU D 322 -20.90 -2.30 9.60
N GLU D 323 -20.92 -2.56 10.89
CA GLU D 323 -19.68 -2.62 11.64
C GLU D 323 -19.90 -3.40 12.92
N VAL D 324 -18.79 -3.98 13.39
CA VAL D 324 -18.73 -4.62 14.69
C VAL D 324 -17.74 -3.83 15.54
N VAL D 325 -18.21 -3.34 16.67
CA VAL D 325 -17.37 -2.57 17.58
C VAL D 325 -17.05 -3.42 18.79
N VAL D 326 -15.75 -3.63 19.08
CA VAL D 326 -15.36 -4.32 20.31
C VAL D 326 -14.76 -3.32 21.31
N GLN D 327 -15.33 -3.27 22.51
CA GLN D 327 -14.89 -2.33 23.54
C GLN D 327 -13.88 -2.96 24.50
N GLU D 328 -12.61 -2.62 24.30
CA GLU D 328 -11.52 -3.12 25.12
C GLU D 328 -11.67 -2.79 26.61
N GLY D 329 -11.55 -3.82 27.45
CA GLY D 329 -11.64 -3.64 28.88
C GLY D 329 -13.06 -3.47 29.41
N VAL D 330 -14.05 -3.82 28.58
CA VAL D 330 -15.45 -3.69 29.00
C VAL D 330 -16.10 -5.06 29.15
N ALA D 331 -16.83 -5.23 30.25
CA ALA D 331 -17.53 -6.47 30.53
C ALA D 331 -18.94 -6.42 29.93
N HIS D 332 -19.87 -7.12 30.56
CA HIS D 332 -21.17 -7.35 29.94
C HIS D 332 -22.09 -6.13 29.79
N PHE D 333 -22.16 -5.31 30.83
CA PHE D 333 -23.13 -4.22 30.88
C PHE D 333 -22.61 -2.94 30.23
N ASN D 334 -22.26 -3.06 28.95
CA ASN D 334 -21.52 -2.02 28.25
C ASN D 334 -22.30 -0.71 28.01
N ASN D 335 -23.62 -0.77 28.11
CA ASN D 335 -24.43 0.44 28.05
C ASN D 335 -24.31 1.27 29.33
N GLN D 336 -23.83 0.64 30.40
CA GLN D 336 -23.65 1.33 31.67
C GLN D 336 -22.17 1.59 31.91
N GLU D 337 -21.35 0.57 31.68
CA GLU D 337 -19.92 0.69 31.92
C GLU D 337 -19.30 1.68 30.94
N ALA D 338 -19.77 1.66 29.70
CA ALA D 338 -19.27 2.58 28.68
C ALA D 338 -20.38 3.45 28.16
N ALA D 339 -21.18 4.00 29.07
CA ALA D 339 -22.41 4.73 28.74
C ALA D 339 -22.21 5.84 27.71
N GLU D 340 -21.04 6.47 27.75
CA GLU D 340 -20.71 7.58 26.86
C GLU D 340 -20.44 7.13 25.43
N ASP D 341 -19.47 6.24 25.26
CA ASP D 341 -19.15 5.68 23.95
C ASP D 341 -20.39 5.06 23.32
N ILE D 342 -21.21 4.38 24.13
CA ILE D 342 -22.45 3.76 23.64
C ILE D 342 -23.45 4.79 23.11
N SER D 343 -23.68 5.86 23.88
CA SER D 343 -24.56 6.95 23.45
C SER D 343 -24.14 7.58 22.12
N ASN D 344 -22.83 7.76 21.94
CA ASN D 344 -22.30 8.38 20.74
C ASN D 344 -22.29 7.40 19.57
N HIS D 345 -22.04 6.12 19.86
CA HIS D 345 -22.10 5.09 18.82
C HIS D 345 -23.51 5.00 18.23
N ILE D 346 -24.52 5.12 19.08
CA ILE D 346 -25.91 5.08 18.66
C ILE D 346 -26.22 6.28 17.77
N TYR D 347 -25.83 7.47 18.24
CA TYR D 347 -26.08 8.69 17.49
C TYR D 347 -25.43 8.64 16.11
N GLU D 348 -24.16 8.27 16.06
CA GLU D 348 -23.41 8.23 14.81
C GLU D 348 -24.02 7.26 13.80
N PHE D 349 -24.62 6.19 14.30
CA PHE D 349 -25.22 5.21 13.42
C PHE D 349 -26.56 5.68 12.88
N ILE D 350 -27.47 6.05 13.78
CA ILE D 350 -28.85 6.36 13.38
C ILE D 350 -28.96 7.67 12.59
N LYS D 351 -28.00 8.56 12.78
CA LYS D 351 -27.96 9.85 12.08
C LYS D 351 -27.94 9.64 10.55
N LYS D 352 -27.48 8.47 10.14
CA LYS D 352 -27.35 8.12 8.72
C LYS D 352 -28.67 7.68 8.09
N PHE D 353 -29.69 7.45 8.92
CA PHE D 353 -30.96 6.88 8.42
C PHE D 353 -32.17 7.82 8.59
#